data_1KIV
# 
_entry.id   1KIV 
# 
_audit_conform.dict_name       mmcif_pdbx.dic 
_audit_conform.dict_version    5.397 
_audit_conform.dict_location   http://mmcif.pdb.org/dictionaries/ascii/mmcif_pdbx.dic 
# 
loop_
_database_2.database_id 
_database_2.database_code 
_database_2.pdbx_database_accession 
_database_2.pdbx_DOI 
PDB   1KIV         pdb_00001kiv 10.2210/pdb1kiv/pdb 
WWPDB D_1000174444 ?            ?                   
# 
loop_
_pdbx_audit_revision_history.ordinal 
_pdbx_audit_revision_history.data_content_type 
_pdbx_audit_revision_history.major_revision 
_pdbx_audit_revision_history.minor_revision 
_pdbx_audit_revision_history.revision_date 
1 'Structure model' 1 0 1999-05-18 
2 'Structure model' 1 1 2008-03-24 
3 'Structure model' 1 2 2011-07-13 
4 'Structure model' 1 3 2024-06-05 
5 'Structure model' 1 4 2024-10-23 
# 
_pdbx_audit_revision_details.ordinal             1 
_pdbx_audit_revision_details.revision_ordinal    1 
_pdbx_audit_revision_details.data_content_type   'Structure model' 
_pdbx_audit_revision_details.provider            repository 
_pdbx_audit_revision_details.type                'Initial release' 
_pdbx_audit_revision_details.description         ? 
_pdbx_audit_revision_details.details             ? 
# 
loop_
_pdbx_audit_revision_group.ordinal 
_pdbx_audit_revision_group.revision_ordinal 
_pdbx_audit_revision_group.data_content_type 
_pdbx_audit_revision_group.group 
1 2 'Structure model' 'Version format compliance' 
2 3 'Structure model' 'Version format compliance' 
3 4 'Structure model' 'Data collection'           
4 4 'Structure model' 'Database references'       
5 4 'Structure model' Other                       
6 5 'Structure model' 'Structure summary'         
# 
loop_
_pdbx_audit_revision_category.ordinal 
_pdbx_audit_revision_category.revision_ordinal 
_pdbx_audit_revision_category.data_content_type 
_pdbx_audit_revision_category.category 
1 4 'Structure model' chem_comp_atom            
2 4 'Structure model' chem_comp_bond            
3 4 'Structure model' database_2                
4 4 'Structure model' pdbx_database_status      
5 5 'Structure model' pdbx_entry_details        
6 5 'Structure model' pdbx_modification_feature 
# 
loop_
_pdbx_audit_revision_item.ordinal 
_pdbx_audit_revision_item.revision_ordinal 
_pdbx_audit_revision_item.data_content_type 
_pdbx_audit_revision_item.item 
1 4 'Structure model' '_database_2.pdbx_DOI'                         
2 4 'Structure model' '_database_2.pdbx_database_accession'          
3 4 'Structure model' '_pdbx_database_status.process_site'           
4 5 'Structure model' '_pdbx_entry_details.has_protein_modification' 
# 
_pdbx_database_status.status_code                     REL 
_pdbx_database_status.entry_id                        1KIV 
_pdbx_database_status.recvd_initial_deposition_date   1998-08-26 
_pdbx_database_status.deposit_site                    ? 
_pdbx_database_status.process_site                    BNL 
_pdbx_database_status.SG_entry                        . 
_pdbx_database_status.pdb_format_compatible           Y 
_pdbx_database_status.status_code_mr                  ? 
_pdbx_database_status.status_code_sf                  ? 
_pdbx_database_status.status_code_cs                  ? 
_pdbx_database_status.status_code_nmr_data            ? 
_pdbx_database_status.methods_development_category    ? 
# 
loop_
_audit_author.name 
_audit_author.pdbx_ordinal 
'Mochalkin, I.' 1 
'Tulinsky, A.'  2 
'Scanu, A.'     3 
# 
_citation.id                        primary 
_citation.title                     
'Recombinant kringle IV-10 modules of human apolipoprotein(a): structure, ligand binding modes, and biological relevance.' 
_citation.journal_abbrev            Biochemistry 
_citation.journal_volume            38 
_citation.page_first                1990 
_citation.page_last                 1998 
_citation.year                      1999 
_citation.journal_id_ASTM           BICHAW 
_citation.country                   US 
_citation.journal_id_ISSN           0006-2960 
_citation.journal_id_CSD            0033 
_citation.book_publisher            ? 
_citation.pdbx_database_id_PubMed   10026282 
_citation.pdbx_database_id_DOI      10.1021/bi9820558 
# 
loop_
_citation_author.citation_id 
_citation_author.name 
_citation_author.ordinal 
_citation_author.identifier_ORCID 
primary 'Mochalkin, I.'  1 ? 
primary 'Cheng, B.'      2 ? 
primary 'Klezovitch, O.' 3 ? 
primary 'Scanu, A.M.'    4 ? 
primary 'Tulinsky, A.'   5 ? 
# 
loop_
_entity.id 
_entity.type 
_entity.src_method 
_entity.pdbx_description 
_entity.formula_weight 
_entity.pdbx_number_of_molecules 
_entity.pdbx_ec 
_entity.pdbx_mutation 
_entity.pdbx_fragment 
_entity.details 
1 polymer man 'APOLIPOPROTEIN A' 9070.976 1  ? ? 'KRINGLE IV-10' 'KIV-10/M66 VARIANT OF HUMAN APOLIPOPROTEIN(A)' 
2 water   nat water              18.015   67 ? ? ?               ?                                               
# 
_entity_poly.entity_id                      1 
_entity_poly.type                           'polypeptide(L)' 
_entity_poly.nstd_linkage                   no 
_entity_poly.nstd_monomer                   no 
_entity_poly.pdbx_seq_one_letter_code       CYHGNGQSYRGTFSTTVTGRTCQSWSSMTPHRHQRTPENYPNDGLTMNYCRNPDADTGPWCFTMDPSIRWEYCNLTRC 
_entity_poly.pdbx_seq_one_letter_code_can   CYHGNGQSYRGTFSTTVTGRTCQSWSSMTPHRHQRTPENYPNDGLTMNYCRNPDADTGPWCFTMDPSIRWEYCNLTRC 
_entity_poly.pdbx_strand_id                 A 
_entity_poly.pdbx_target_identifier         ? 
# 
_pdbx_entity_nonpoly.entity_id   2 
_pdbx_entity_nonpoly.name        water 
_pdbx_entity_nonpoly.comp_id     HOH 
# 
loop_
_entity_poly_seq.entity_id 
_entity_poly_seq.num 
_entity_poly_seq.mon_id 
_entity_poly_seq.hetero 
1 1  CYS n 
1 2  TYR n 
1 3  HIS n 
1 4  GLY n 
1 5  ASN n 
1 6  GLY n 
1 7  GLN n 
1 8  SER n 
1 9  TYR n 
1 10 ARG n 
1 11 GLY n 
1 12 THR n 
1 13 PHE n 
1 14 SER n 
1 15 THR n 
1 16 THR n 
1 17 VAL n 
1 18 THR n 
1 19 GLY n 
1 20 ARG n 
1 21 THR n 
1 22 CYS n 
1 23 GLN n 
1 24 SER n 
1 25 TRP n 
1 26 SER n 
1 27 SER n 
1 28 MET n 
1 29 THR n 
1 30 PRO n 
1 31 HIS n 
1 32 ARG n 
1 33 HIS n 
1 34 GLN n 
1 35 ARG n 
1 36 THR n 
1 37 PRO n 
1 38 GLU n 
1 39 ASN n 
1 40 TYR n 
1 41 PRO n 
1 42 ASN n 
1 43 ASP n 
1 44 GLY n 
1 45 LEU n 
1 46 THR n 
1 47 MET n 
1 48 ASN n 
1 49 TYR n 
1 50 CYS n 
1 51 ARG n 
1 52 ASN n 
1 53 PRO n 
1 54 ASP n 
1 55 ALA n 
1 56 ASP n 
1 57 THR n 
1 58 GLY n 
1 59 PRO n 
1 60 TRP n 
1 61 CYS n 
1 62 PHE n 
1 63 THR n 
1 64 MET n 
1 65 ASP n 
1 66 PRO n 
1 67 SER n 
1 68 ILE n 
1 69 ARG n 
1 70 TRP n 
1 71 GLU n 
1 72 TYR n 
1 73 CYS n 
1 74 ASN n 
1 75 LEU n 
1 76 THR n 
1 77 ARG n 
1 78 CYS n 
# 
_entity_src_gen.entity_id                          1 
_entity_src_gen.pdbx_src_id                        1 
_entity_src_gen.pdbx_alt_source_flag               sample 
_entity_src_gen.pdbx_seq_type                      ? 
_entity_src_gen.pdbx_beg_seq_num                   ? 
_entity_src_gen.pdbx_end_seq_num                   ? 
_entity_src_gen.gene_src_common_name               human 
_entity_src_gen.gene_src_genus                     Homo 
_entity_src_gen.pdbx_gene_src_gene                 ? 
_entity_src_gen.gene_src_species                   ? 
_entity_src_gen.gene_src_strain                    ? 
_entity_src_gen.gene_src_tissue                    ? 
_entity_src_gen.gene_src_tissue_fraction           ? 
_entity_src_gen.gene_src_details                   ? 
_entity_src_gen.pdbx_gene_src_fragment             ? 
_entity_src_gen.pdbx_gene_src_scientific_name      'Homo sapiens' 
_entity_src_gen.pdbx_gene_src_ncbi_taxonomy_id     9606 
_entity_src_gen.pdbx_gene_src_variant              ? 
_entity_src_gen.pdbx_gene_src_cell_line            ? 
_entity_src_gen.pdbx_gene_src_atcc                 ? 
_entity_src_gen.pdbx_gene_src_organ                ? 
_entity_src_gen.pdbx_gene_src_organelle            ? 
_entity_src_gen.pdbx_gene_src_cell                 ? 
_entity_src_gen.pdbx_gene_src_cellular_location    ? 
_entity_src_gen.host_org_common_name               ? 
_entity_src_gen.pdbx_host_org_scientific_name      'Escherichia coli' 
_entity_src_gen.pdbx_host_org_ncbi_taxonomy_id     562 
_entity_src_gen.host_org_genus                     Escherichia 
_entity_src_gen.pdbx_host_org_gene                 ? 
_entity_src_gen.pdbx_host_org_organ                ? 
_entity_src_gen.host_org_species                   ? 
_entity_src_gen.pdbx_host_org_tissue               ? 
_entity_src_gen.pdbx_host_org_tissue_fraction      ? 
_entity_src_gen.pdbx_host_org_strain               ? 
_entity_src_gen.pdbx_host_org_variant              ? 
_entity_src_gen.pdbx_host_org_cell_line            ? 
_entity_src_gen.pdbx_host_org_atcc                 ? 
_entity_src_gen.pdbx_host_org_culture_collection   ? 
_entity_src_gen.pdbx_host_org_cell                 ? 
_entity_src_gen.pdbx_host_org_organelle            ? 
_entity_src_gen.pdbx_host_org_cellular_location    ? 
_entity_src_gen.pdbx_host_org_vector_type          ? 
_entity_src_gen.pdbx_host_org_vector               ? 
_entity_src_gen.host_org_details                   ? 
_entity_src_gen.expression_system_id               ? 
_entity_src_gen.plasmid_name                       ? 
_entity_src_gen.plasmid_details                    ? 
_entity_src_gen.pdbx_description                   ? 
# 
loop_
_chem_comp.id 
_chem_comp.type 
_chem_comp.mon_nstd_flag 
_chem_comp.name 
_chem_comp.pdbx_synonyms 
_chem_comp.formula 
_chem_comp.formula_weight 
ALA 'L-peptide linking' y ALANINE         ? 'C3 H7 N O2'     89.093  
ARG 'L-peptide linking' y ARGININE        ? 'C6 H15 N4 O2 1' 175.209 
ASN 'L-peptide linking' y ASPARAGINE      ? 'C4 H8 N2 O3'    132.118 
ASP 'L-peptide linking' y 'ASPARTIC ACID' ? 'C4 H7 N O4'     133.103 
CYS 'L-peptide linking' y CYSTEINE        ? 'C3 H7 N O2 S'   121.158 
GLN 'L-peptide linking' y GLUTAMINE       ? 'C5 H10 N2 O3'   146.144 
GLU 'L-peptide linking' y 'GLUTAMIC ACID' ? 'C5 H9 N O4'     147.129 
GLY 'peptide linking'   y GLYCINE         ? 'C2 H5 N O2'     75.067  
HIS 'L-peptide linking' y HISTIDINE       ? 'C6 H10 N3 O2 1' 156.162 
HOH non-polymer         . WATER           ? 'H2 O'           18.015  
ILE 'L-peptide linking' y ISOLEUCINE      ? 'C6 H13 N O2'    131.173 
LEU 'L-peptide linking' y LEUCINE         ? 'C6 H13 N O2'    131.173 
MET 'L-peptide linking' y METHIONINE      ? 'C5 H11 N O2 S'  149.211 
PHE 'L-peptide linking' y PHENYLALANINE   ? 'C9 H11 N O2'    165.189 
PRO 'L-peptide linking' y PROLINE         ? 'C5 H9 N O2'     115.130 
SER 'L-peptide linking' y SERINE          ? 'C3 H7 N O3'     105.093 
THR 'L-peptide linking' y THREONINE       ? 'C4 H9 N O3'     119.119 
TRP 'L-peptide linking' y TRYPTOPHAN      ? 'C11 H12 N2 O2'  204.225 
TYR 'L-peptide linking' y TYROSINE        ? 'C9 H11 N O3'    181.189 
VAL 'L-peptide linking' y VALINE          ? 'C5 H11 N O2'    117.146 
# 
loop_
_pdbx_poly_seq_scheme.asym_id 
_pdbx_poly_seq_scheme.entity_id 
_pdbx_poly_seq_scheme.seq_id 
_pdbx_poly_seq_scheme.mon_id 
_pdbx_poly_seq_scheme.ndb_seq_num 
_pdbx_poly_seq_scheme.pdb_seq_num 
_pdbx_poly_seq_scheme.auth_seq_num 
_pdbx_poly_seq_scheme.pdb_mon_id 
_pdbx_poly_seq_scheme.auth_mon_id 
_pdbx_poly_seq_scheme.pdb_strand_id 
_pdbx_poly_seq_scheme.pdb_ins_code 
_pdbx_poly_seq_scheme.hetero 
A 1 1  CYS 1  1  1  CYS CYS A . n 
A 1 2  TYR 2  2  2  TYR TYR A . n 
A 1 3  HIS 3  3  3  HIS HIS A . n 
A 1 4  GLY 4  4  4  GLY GLY A . n 
A 1 5  ASN 5  5  5  ASN ASN A . n 
A 1 6  GLY 6  6  6  GLY GLY A . n 
A 1 7  GLN 7  7  7  GLN GLN A . n 
A 1 8  SER 8  8  8  SER SER A . n 
A 1 9  TYR 9  9  9  TYR TYR A . n 
A 1 10 ARG 10 10 10 ARG ARG A . n 
A 1 11 GLY 11 11 11 GLY GLY A . n 
A 1 12 THR 12 12 12 THR THR A . n 
A 1 13 PHE 13 13 13 PHE PHE A . n 
A 1 14 SER 14 14 14 SER SER A . n 
A 1 15 THR 15 15 15 THR THR A . n 
A 1 16 THR 16 16 16 THR THR A . n 
A 1 17 VAL 17 17 17 VAL VAL A . n 
A 1 18 THR 18 18 18 THR THR A . n 
A 1 19 GLY 19 19 19 GLY GLY A . n 
A 1 20 ARG 20 20 20 ARG ARG A . n 
A 1 21 THR 21 21 21 THR THR A . n 
A 1 22 CYS 22 22 22 CYS CYS A . n 
A 1 23 GLN 23 23 23 GLN GLN A . n 
A 1 24 SER 24 24 24 SER SER A . n 
A 1 25 TRP 25 25 25 TRP TRP A . n 
A 1 26 SER 26 26 26 SER SER A . n 
A 1 27 SER 27 27 27 SER SER A . n 
A 1 28 MET 28 28 28 MET MET A . n 
A 1 29 THR 29 29 29 THR THR A . n 
A 1 30 PRO 30 30 30 PRO PRO A . n 
A 1 31 HIS 31 31 31 HIS HIS A . n 
A 1 32 ARG 32 32 32 ARG ARG A . n 
A 1 33 HIS 33 33 33 HIS HIS A . n 
A 1 34 GLN 34 34 34 GLN GLN A . n 
A 1 35 ARG 35 35 35 ARG ARG A . n 
A 1 36 THR 36 37 37 THR THR A . n 
A 1 37 PRO 37 38 38 PRO PRO A . n 
A 1 38 GLU 38 39 39 GLU GLU A . n 
A 1 39 ASN 39 40 40 ASN ASN A . n 
A 1 40 TYR 40 41 41 TYR TYR A . n 
A 1 41 PRO 41 42 42 PRO PRO A . n 
A 1 42 ASN 42 43 43 ASN ASN A . n 
A 1 43 ASP 43 44 44 ASP ASP A . n 
A 1 44 GLY 44 45 45 GLY GLY A . n 
A 1 45 LEU 45 46 46 LEU LEU A . n 
A 1 46 THR 46 47 47 THR THR A . n 
A 1 47 MET 47 48 48 MET MET A . n 
A 1 48 ASN 48 49 49 ASN ASN A . n 
A 1 49 TYR 49 50 50 TYR TYR A . n 
A 1 50 CYS 50 51 51 CYS CYS A . n 
A 1 51 ARG 51 52 52 ARG ARG A . n 
A 1 52 ASN 52 53 53 ASN ASN A . n 
A 1 53 PRO 53 54 54 PRO PRO A . n 
A 1 54 ASP 54 55 55 ASP ASP A . n 
A 1 55 ALA 55 56 56 ALA ALA A . n 
A 1 56 ASP 56 57 57 ASP ASP A . n 
A 1 57 THR 57 58 58 THR THR A . n 
A 1 58 GLY 58 60 60 GLY GLY A . n 
A 1 59 PRO 59 61 61 PRO PRO A . n 
A 1 60 TRP 60 62 62 TRP TRP A . n 
A 1 61 CYS 61 63 63 CYS CYS A . n 
A 1 62 PHE 62 64 64 PHE PHE A . n 
A 1 63 THR 63 65 65 THR THR A . n 
A 1 64 MET 64 66 66 MET MET A . n 
A 1 65 ASP 65 67 67 ASP ASP A . n 
A 1 66 PRO 66 68 68 PRO PRO A . n 
A 1 67 SER 67 69 69 SER SER A . n 
A 1 68 ILE 68 70 70 ILE ILE A . n 
A 1 69 ARG 69 71 71 ARG ARG A . n 
A 1 70 TRP 70 72 72 TRP TRP A . n 
A 1 71 GLU 71 73 73 GLU GLU A . n 
A 1 72 TYR 72 74 74 TYR TYR A . n 
A 1 73 CYS 73 75 75 CYS CYS A . n 
A 1 74 ASN 74 76 76 ASN ASN A . n 
A 1 75 LEU 75 77 77 LEU LEU A . n 
A 1 76 THR 76 78 78 THR THR A . n 
A 1 77 ARG 77 79 79 ARG ARG A . n 
A 1 78 CYS 78 80 80 CYS CYS A . n 
# 
loop_
_pdbx_nonpoly_scheme.asym_id 
_pdbx_nonpoly_scheme.entity_id 
_pdbx_nonpoly_scheme.mon_id 
_pdbx_nonpoly_scheme.ndb_seq_num 
_pdbx_nonpoly_scheme.pdb_seq_num 
_pdbx_nonpoly_scheme.auth_seq_num 
_pdbx_nonpoly_scheme.pdb_mon_id 
_pdbx_nonpoly_scheme.auth_mon_id 
_pdbx_nonpoly_scheme.pdb_strand_id 
_pdbx_nonpoly_scheme.pdb_ins_code 
B 2 HOH 1  200 200 HOH HOH A . 
B 2 HOH 2  201 201 HOH HOH A . 
B 2 HOH 3  202 202 HOH HOH A . 
B 2 HOH 4  203 203 HOH HOH A . 
B 2 HOH 5  204 204 HOH HOH A . 
B 2 HOH 6  205 205 HOH HOH A . 
B 2 HOH 7  206 206 HOH HOH A . 
B 2 HOH 8  207 207 HOH HOH A . 
B 2 HOH 9  208 208 HOH HOH A . 
B 2 HOH 10 209 209 HOH HOH A . 
B 2 HOH 11 210 210 HOH HOH A . 
B 2 HOH 12 211 211 HOH HOH A . 
B 2 HOH 13 212 212 HOH HOH A . 
B 2 HOH 14 213 213 HOH HOH A . 
B 2 HOH 15 214 214 HOH HOH A . 
B 2 HOH 16 215 215 HOH HOH A . 
B 2 HOH 17 216 216 HOH HOH A . 
B 2 HOH 18 217 217 HOH HOH A . 
B 2 HOH 19 218 218 HOH HOH A . 
B 2 HOH 20 219 219 HOH HOH A . 
B 2 HOH 21 220 220 HOH HOH A . 
B 2 HOH 22 221 221 HOH HOH A . 
B 2 HOH 23 222 222 HOH HOH A . 
B 2 HOH 24 223 223 HOH HOH A . 
B 2 HOH 25 224 224 HOH HOH A . 
B 2 HOH 26 225 225 HOH HOH A . 
B 2 HOH 27 226 226 HOH HOH A . 
B 2 HOH 28 227 227 HOH HOH A . 
B 2 HOH 29 228 228 HOH HOH A . 
B 2 HOH 30 229 229 HOH HOH A . 
B 2 HOH 31 230 230 HOH HOH A . 
B 2 HOH 32 231 231 HOH HOH A . 
B 2 HOH 33 232 232 HOH HOH A . 
B 2 HOH 34 233 233 HOH HOH A . 
B 2 HOH 35 234 234 HOH HOH A . 
B 2 HOH 36 235 235 HOH HOH A . 
B 2 HOH 37 236 236 HOH HOH A . 
B 2 HOH 38 237 237 HOH HOH A . 
B 2 HOH 39 238 238 HOH HOH A . 
B 2 HOH 40 239 239 HOH HOH A . 
B 2 HOH 41 240 240 HOH HOH A . 
B 2 HOH 42 241 241 HOH HOH A . 
B 2 HOH 43 242 242 HOH HOH A . 
B 2 HOH 44 243 243 HOH HOH A . 
B 2 HOH 45 244 244 HOH HOH A . 
B 2 HOH 46 245 245 HOH HOH A . 
B 2 HOH 47 246 246 HOH HOH A . 
B 2 HOH 48 247 247 HOH HOH A . 
B 2 HOH 49 248 248 HOH HOH A . 
B 2 HOH 50 249 249 HOH HOH A . 
B 2 HOH 51 250 250 HOH HOH A . 
B 2 HOH 52 251 251 HOH HOH A . 
B 2 HOH 53 252 252 HOH HOH A . 
B 2 HOH 54 253 253 HOH HOH A . 
B 2 HOH 55 254 254 HOH HOH A . 
B 2 HOH 56 255 255 HOH HOH A . 
B 2 HOH 57 256 256 HOH HOH A . 
B 2 HOH 58 257 257 HOH HOH A . 
B 2 HOH 59 258 258 HOH HOH A . 
B 2 HOH 60 259 259 HOH HOH A . 
B 2 HOH 61 260 260 HOH HOH A . 
B 2 HOH 62 261 261 HOH HOH A . 
B 2 HOH 63 262 262 HOH HOH A . 
B 2 HOH 64 263 263 HOH HOH A . 
B 2 HOH 65 264 264 HOH HOH A . 
B 2 HOH 66 265 265 HOH HOH A . 
B 2 HOH 67 266 266 HOH HOH A . 
# 
loop_
_software.name 
_software.classification 
_software.version 
_software.citation_id 
_software.pdbx_ordinal 
RIGAKU 'data collection' R-AXIS     ? 1 
RIGAKU 'data reduction'  R-AXIS     ? 2 
PROFFT refinement        .          ? 3 
R-AXIS 'data reduction'  '(RIGAKU)' ? 4 
R-AXIS 'data scaling'    '(RIGAKU)' ? 5 
# 
_cell.entry_id           1KIV 
_cell.length_a           24.610 
_cell.length_b           45.680 
_cell.length_c           63.700 
_cell.angle_alpha        90.00 
_cell.angle_beta         90.00 
_cell.angle_gamma        90.00 
_cell.Z_PDB              4 
_cell.pdbx_unique_axis   ? 
# 
_symmetry.entry_id                         1KIV 
_symmetry.space_group_name_H-M             'P 21 21 21' 
_symmetry.pdbx_full_space_group_name_H-M   ? 
_symmetry.cell_setting                     ? 
_symmetry.Int_Tables_number                19 
# 
_exptl.entry_id          1KIV 
_exptl.method            'X-RAY DIFFRACTION' 
_exptl.crystals_number   1 
# 
_exptl_crystal.id                    1 
_exptl_crystal.density_meas          ? 
_exptl_crystal.density_Matthews      1.76 
_exptl_crystal.density_percent_sol   30.6 
_exptl_crystal.description           ? 
# 
_exptl_crystal_grow.crystal_id      1 
_exptl_crystal_grow.method          ? 
_exptl_crystal_grow.temp            ? 
_exptl_crystal_grow.temp_details    ? 
_exptl_crystal_grow.pH              7.0 
_exptl_crystal_grow.pdbx_pH_range   ? 
_exptl_crystal_grow.pdbx_details    'pH 7.0' 
# 
_diffrn.id                     1 
_diffrn.ambient_temp           130 
_diffrn.ambient_temp_details   ? 
_diffrn.crystal_id             1 
# 
_diffrn_detector.diffrn_id              1 
_diffrn_detector.detector               'IMAGE PLATE' 
_diffrn_detector.type                   'RIGAKU RAXIS II' 
_diffrn_detector.pdbx_collection_date   1997-10 
_diffrn_detector.details                'MSC-YALE MIRRORS' 
# 
_diffrn_radiation.diffrn_id                        1 
_diffrn_radiation.wavelength_id                    1 
_diffrn_radiation.pdbx_monochromatic_or_laue_m_l   M 
_diffrn_radiation.monochromator                    'NI FILTER' 
_diffrn_radiation.pdbx_diffrn_protocol             ? 
_diffrn_radiation.pdbx_scattering_type             x-ray 
# 
_diffrn_radiation_wavelength.id           1 
_diffrn_radiation_wavelength.wavelength   1.5418 
_diffrn_radiation_wavelength.wt           1.0 
# 
_diffrn_source.diffrn_id                   1 
_diffrn_source.source                      'ROTATING ANODE' 
_diffrn_source.type                        'RIGAKU RUH2R' 
_diffrn_source.pdbx_synchrotron_site       ? 
_diffrn_source.pdbx_synchrotron_beamline   ? 
_diffrn_source.pdbx_wavelength             1.5418 
_diffrn_source.pdbx_wavelength_list        ? 
# 
_reflns.entry_id                     1KIV 
_reflns.observed_criterion_sigma_I   ? 
_reflns.observed_criterion_sigma_F   ? 
_reflns.d_resolution_low             23.0 
_reflns.d_resolution_high            2.1 
_reflns.number_obs                   3822 
_reflns.number_all                   ? 
_reflns.percent_possible_obs         81 
_reflns.pdbx_Rmerge_I_obs            0.062 
_reflns.pdbx_Rsym_value              ? 
_reflns.pdbx_netI_over_sigmaI        10.7 
_reflns.B_iso_Wilson_estimate        ? 
_reflns.pdbx_redundancy              2.5 
_reflns.pdbx_diffrn_id               1 
_reflns.pdbx_ordinal                 1 
# 
_reflns_shell.d_res_high             2.1 
_reflns_shell.d_res_low              2.25 
_reflns_shell.percent_possible_all   64 
_reflns_shell.Rmerge_I_obs           0.15 
_reflns_shell.pdbx_Rsym_value        ? 
_reflns_shell.meanI_over_sigI_obs    3.0 
_reflns_shell.pdbx_redundancy        ? 
_reflns_shell.pdbx_diffrn_id         ? 
_reflns_shell.pdbx_ordinal           1 
# 
_refine.entry_id                                 1KIV 
_refine.ls_number_reflns_obs                     3144 
_refine.ls_number_reflns_all                     ? 
_refine.pdbx_ls_sigma_I                          ? 
_refine.pdbx_ls_sigma_F                          1.0 
_refine.pdbx_data_cutoff_high_absF               ? 
_refine.pdbx_data_cutoff_low_absF                ? 
_refine.pdbx_data_cutoff_high_rms_absF           ? 
_refine.ls_d_res_low                             9.0 
_refine.ls_d_res_high                            2.1 
_refine.ls_percent_reflns_obs                    67 
_refine.ls_R_factor_obs                          ? 
_refine.ls_R_factor_all                          ? 
_refine.ls_R_factor_R_work                       0.178 
_refine.ls_R_factor_R_free                       ? 
_refine.ls_R_factor_R_free_error                 ? 
_refine.ls_R_factor_R_free_error_details         ? 
_refine.ls_percent_reflns_R_free                 ? 
_refine.ls_number_reflns_R_free                  ? 
_refine.ls_number_parameters                     ? 
_refine.ls_number_restraints                     ? 
_refine.occupancy_min                            ? 
_refine.occupancy_max                            ? 
_refine.B_iso_mean                               21.8 
_refine.aniso_B[1][1]                            ? 
_refine.aniso_B[2][2]                            ? 
_refine.aniso_B[3][3]                            ? 
_refine.aniso_B[1][2]                            ? 
_refine.aniso_B[1][3]                            ? 
_refine.aniso_B[2][3]                            ? 
_refine.solvent_model_details                    ? 
_refine.solvent_model_param_ksol                 ? 
_refine.solvent_model_param_bsol                 ? 
_refine.pdbx_ls_cross_valid_method               ? 
_refine.details                                  ? 
_refine.pdbx_starting_model                      ? 
_refine.pdbx_method_to_determine_struct          'MOLECULAR REPLACEMENT' 
_refine.pdbx_isotropic_thermal_model             ? 
_refine.pdbx_stereochemistry_target_values       ? 
_refine.pdbx_stereochem_target_val_spec_case     ? 
_refine.pdbx_R_Free_selection_details            ? 
_refine.pdbx_overall_ESU_R                       ? 
_refine.pdbx_overall_ESU_R_Free                  ? 
_refine.overall_SU_ML                            ? 
_refine.overall_SU_B                             ? 
_refine.pdbx_refine_id                           'X-RAY DIFFRACTION' 
_refine.pdbx_diffrn_id                           1 
_refine.pdbx_TLS_residual_ADP_flag               ? 
_refine.correlation_coeff_Fo_to_Fc               ? 
_refine.correlation_coeff_Fo_to_Fc_free          ? 
_refine.pdbx_solvent_vdw_probe_radii             ? 
_refine.pdbx_solvent_ion_probe_radii             ? 
_refine.pdbx_solvent_shrinkage_radii             ? 
_refine.pdbx_overall_phase_error                 ? 
_refine.overall_SU_R_Cruickshank_DPI             ? 
_refine.pdbx_overall_SU_R_free_Cruickshank_DPI   ? 
_refine.pdbx_overall_SU_R_Blow_DPI               ? 
_refine.pdbx_overall_SU_R_free_Blow_DPI          ? 
# 
_refine_hist.pdbx_refine_id                   'X-RAY DIFFRACTION' 
_refine_hist.cycle_id                         LAST 
_refine_hist.pdbx_number_atoms_protein        634 
_refine_hist.pdbx_number_atoms_nucleic_acid   0 
_refine_hist.pdbx_number_atoms_ligand         0 
_refine_hist.number_atoms_solvent             67 
_refine_hist.number_atoms_total               701 
_refine_hist.d_res_high                       2.1 
_refine_hist.d_res_low                        9.0 
# 
loop_
_refine_ls_restr.type 
_refine_ls_restr.dev_ideal 
_refine_ls_restr.dev_ideal_target 
_refine_ls_restr.weight 
_refine_ls_restr.number 
_refine_ls_restr.pdbx_refine_id 
_refine_ls_restr.pdbx_restraint_function 
p_bond_d            0.012 0.020 ? ? 'X-RAY DIFFRACTION' ? 
p_angle_d           0.032 0.040 ? ? 'X-RAY DIFFRACTION' ? 
p_angle_deg         ?     ?     ? ? 'X-RAY DIFFRACTION' ? 
p_planar_d          0.043 0.050 ? ? 'X-RAY DIFFRACTION' ? 
p_hb_or_metal_coord ?     ?     ? ? 'X-RAY DIFFRACTION' ? 
p_mcbond_it         1.151 1.500 ? ? 'X-RAY DIFFRACTION' ? 
p_mcangle_it        1.814 2.000 ? ? 'X-RAY DIFFRACTION' ? 
p_scbond_it         2.103 2.500 ? ? 'X-RAY DIFFRACTION' ? 
p_scangle_it        2.954 3.000 ? ? 'X-RAY DIFFRACTION' ? 
p_plane_restr       0.024 0.030 ? ? 'X-RAY DIFFRACTION' ? 
p_chiral_restr      0.125 0.130 ? ? 'X-RAY DIFFRACTION' ? 
p_singtor_nbd       0.18  0.60  ? ? 'X-RAY DIFFRACTION' ? 
p_multtor_nbd       0.26  0.60  ? ? 'X-RAY DIFFRACTION' ? 
p_xhyhbond_nbd      ?     ?     ? ? 'X-RAY DIFFRACTION' ? 
p_xyhbond_nbd       0.32  0.60  ? ? 'X-RAY DIFFRACTION' ? 
p_planar_tor        3.7   3.0   ? ? 'X-RAY DIFFRACTION' ? 
p_staggered_tor     20.6  15.0  ? ? 'X-RAY DIFFRACTION' ? 
p_orthonormal_tor   ?     ?     ? ? 'X-RAY DIFFRACTION' ? 
p_transverse_tor    25.2  20.0  ? ? 'X-RAY DIFFRACTION' ? 
p_special_tor       ?     ?     ? ? 'X-RAY DIFFRACTION' ? 
# 
_struct.entry_id                  1KIV 
_struct.title                     'RECOMBINANT KRINGLE IV-10/M66 VARIANT OF HUMAN APOLIPOPROTEIN(A)' 
_struct.pdbx_model_details        ? 
_struct.pdbx_CASP_flag            ? 
_struct.pdbx_model_type_details   ? 
# 
_struct_keywords.entry_id        1KIV 
_struct_keywords.pdbx_keywords   KRINGLE 
_struct_keywords.text            'KRINGLE, LYSINE BINDING SITE, APOLIPOPROTEIN(A)' 
# 
loop_
_struct_asym.id 
_struct_asym.pdbx_blank_PDB_chainid_flag 
_struct_asym.pdbx_modified 
_struct_asym.entity_id 
_struct_asym.details 
A N N 1 ? 
B N N 2 ? 
# 
_struct_ref.id                         1 
_struct_ref.db_name                    UNP 
_struct_ref.db_code                    APOA_HUMAN 
_struct_ref.entity_id                  1 
_struct_ref.pdbx_db_accession          P08519 
_struct_ref.pdbx_align_begin           1 
_struct_ref.pdbx_seq_one_letter_code   
;MEHKEVVLLLLLFLKSAAPEQSHVVQDCYHGDGQSYRGTYSTTVTGRTCQAWSSMTPHQHNRTTENYPNAGLIMNYCRNP
DAVAAPYCYTRDPGVRWEYCNLTQCSDAEGTAVAPPTVTPVPSLEAPSEQAPTEQRPGVQECYHGNGQSYRGTYSTTVTG
RTCQAWSSMTPHSHSRTPEYYPNAGLIMNYCRNPDAVAAPYCYTRDPGVRWEYCNLTQCSDAEGTAVAPPTVTPVPSLEA
PSEQAPTEQRPGVQECYHGNGQSYRGTYSTTVTGRTCQAWSSMTPHSHSRTPEYYPNAGLIMNYCRNPDAVAAPYCYTRD
PGVRWEYCNLTQCSDAEGTAVAPPTVTPVPSLEAPSEQAPTEQRPGVQECYHGNGQSYRGTYSTTVTGRTCQAWSSMTPH
SHSRTPEYYPNAGLIMNYCRNPDAVAAPYCYTRDPGVRWEYCNLTQCSDAEGTAVAPPTVTPVPSLEAPSEQAPTEQRPG
VQECYHGNGQSYRGTYSTTVTGRTCQAWSSMTPHSHSRTPEYYPNAGLIMNYCRNPDAVAAPYCYTRDPGVRWEYCNLTQ
CSDAEGTAVAPPTVTPVPSLEAPSEQAPTEQRPGVQECYHGNGQSYRGTYSTTVTGRTCQAWSSMTPHSHSRTPEYYPNA
GLIMNYCRNPDAVAAPYCYTRDPGVRWEYCNLTQCSDAEGTAVAPPTVTPVPSLEAPSEQAPTEQRPGVQECYHGNGQSY
RGTYSTTVTGRTCQAWSSMTPHSHSRTPEYYPNAGLIMNYCRNPDAVAAPYCYTRDPGVRWEYCNLTQCSDAEGTAVAPP
TVTPVPSLEAPSEQAPTEQRPGVQECYHGNGQSYRGTYSTTVTGRTCQAWSSMTPHSHSRTPEYYPNAGLIMNYCRNPDA
VAAPYCYTRDPGVRWEYCNLTQCSDAEGTAVAPPTVTPVPSLEAPSEQAPTEQRPGVQECYHGNGQSYRGTYSTTVTGRT
CQAWSSMTPHSHSRTPEYYPNAGLIMNYCRNPDAVAAPYCYTRDPGVRWEYCNLTQCSDAEGTAVAPPTVTPVPSLEAPS
EQAPTEQRPGVQECYHGNGQSYRGTYSTTVTGRTCQAWSSMTPHSHSRTPEYYPNAGLIMNYCRNPDAVAAPYCYTRDPG
VRWEYCNLTQCSDAEGTAVAPPTVTPVPSLEAPSEQAPTEQRPGVQECYHGNGQSYRGTYSTTVTGRTCQAWSSMTPHSH
SRTPEYYPNAGLIMNYCRNPDAVAAPYCYTRDPGVRWEYCNLTQCSDAEGTAVAPPTVTPVPSLEAPSEQAPTEQRPGVQ
ECYHGNGQSYRGTYSTTVTGRTCQAWSSMTPHSHSRTPEYYPNAGLIMNYCRNPDAVAAPYCYTRDPGVRWEYCNLTQCS
DAEGTAVAPPTVTPVPSLEAPSEQAPTEQRPGVQECYHGNGQSYRGTYSTTVTGRTCQAWSSMTPHSHSRTPEYYPNAGL
IMNYCRNPDAVAAPYCYTRDPGVRWEYCNLTQCSDAEGTAVAPPTVTPVPSLEAPSEQAPTEQRPGVQECYHGNGQSYRG
TYSTTVTGRTCQAWSSMTPHSHSRTPEYYPNAGLIMNYCRNPDAVAAPYCYTRDPGVRWEYCNLTQCSDAEGTAVAPPTV
TPVPSLEAPSEQAPTEQRPGVQECYHGNGQSYRGTYSTTVTGRTCQAWSSMTPHSHSRTPEYYPNAGLIMNYCRNPDAVA
APYCYTRDPGVRWEYCNLTQCSDAEGTAVAPPTVTPVPSLEAPSEQAPTEQRPGVQECYHGNGQSYRGTYSTTVTGRTCQ
AWSSMTPHSHSRTPEYYPNAGLIMNYCRNPDAVAAPYCYTRDPGVRWEYCNLTQCSDAEGTAVAPPTVTPVPSLEAPSEQ
APTEQRPGVQECYHGNGQSYRGTYSTTVTGRTCQAWSSMTPHSHSRTPEYYPNAGLIMNYCRNPDAVAAPYCYTRDPGVR
WEYCNLTQCSDAEGTAVAPPTVTPVPSLEAPSEQAPTEQRPGVQECYHGNGQSYRGTYSTTVTGRTCQAWSSMTPHSHSR
TPEYYPNAGLIMNYCRNPDAVAAPYCYTRDPGVRWEYCNLTQCSDAEGTAVAPPTVTPVPSLEAPSEQAPTEQRPGVQEC
YHGNGQSYRGTYSTTVTGRTCQAWSSMTPHSHSRTPEYYPNAGLIMNYCRNPDAVAAPYCYTRDPGVRWEYCNLTQCSDA
EGTAVAPPTVTPVPSLEAPSEQAPTEQRPGVQECYHGNGQSYRGTYSTTVTGRTCQAWSSMTPHSHSRTPEYYPNAGLIM
NYCRNPDAVAAPYCYTRDPGVRWEYCNLTQCSDAEGTAVAPPTVTPVPSLEAPSEQAPTEQRPGVQECYHGNGQSYRGTY
STTVTGRTCQAWSSMTPHSHSRTPEYYPNAGLIMNYCRNPDAVAAPYCYTRDPGVRWEYCNLTQCSDAEGTAVAPPTVTP
VPSLEAPSEQAPTEQRPGVQECYHGNGQSYRGTYSTTVTGRTCQAWSSMTPHSHSRTPEYYPNAGLIMNYCRNPDAVAAP
YCYTRDPGVRWEYCNLTQCSDAEGTAVAPPTVTPVPSLEAPSEQAPTEQRPGVQECYHGNGQSYRGTYSTTVTGRTCQAW
SSMTPHSHSRTPEYYPNAGLIMNYCRNPDAVAAPYCYTRDPGVRWEYCNLTQCSDAEGTAVAPPTVTPVPSLEAPSEQAP
TEQRPGVQECYHGNGQSYRGTYSTTVTGRTCQAWSSMTPHSHSRTPEYYPNAGLIMNYCRNPDAVAAPYCYTRDPGVRWE
YCNLTQCSDAEGTAVAPPTVTPVPSLEAPSEQAPTEQRPGVQECYHGNGQSYRGTYSTTVTGRTCQAWSSMTPHSHSRTP
EYYPNAGLIMNYCRNPDAVAAPYCYTRDPGVRWEYCNLTQCSDAEGTAVAPPTVTPVPSLEAPSEQAPTEQRPGVQECYH
GNGQSYRGTYSTTVTGRTCQAWSSMTPHSHSRTPEYYPNAGLIMNYCRNPDAVAAPYCYTRDPGVRWEYCNLTQCSDAEG
TAVAPPTVTPVPSLEAPSEQAPTEQRPGVQECYHGNGQSYRGTYSTTVTGRTCQAWSSMTPHSHSRTPEYYPNAGLIMNY
CRNPDAVAAPYCYTRDPGVRWEYCNLTQCSDAEGTAVAPPTVTPVPSLEAPSEQAPTEQRPGVQECYHGNGQSYRGTYST
TVTGRTCQAWSSMTPHSHSRTPEYYPNAGLIMNYCRNPDAVAAPYCYTRDPGVRWEYCNLTQCSDAEGTAVAPPTVTPVP
SLEAPSEQAPTEQRPGVQECYHGNGQSYRGTYSTTVTGRTCQAWSSMTPHSHSRTPEYYPNAGLIMNYCRNPDAVAAPYC
YTRDPGVRWEYCNLTQCSDAEGTAVAPPTVTPVPSLEAPSEQAPTEQRPGVQECYHGNGQSYRGTYSTTVTGRTCQAWSS
MTPHSHSRTPEYYPNAGLIMNYCRNPDPVAAPYCYTRDPSVRWEYCNLTQCSDAEGTAVAPPTITPIPSLEAPSEQAPTE
QRPGVQECYHGNGQSYQGTYFITVTGRTCQAWSSMTPHSHSRTPAYYPNAGLIKNYCRNPDPVAAPWCYTTDPSVRWEYC
NLTRCSDAEWTAFVPPNVILAPSLEAFFEQALTEETPGVQDCYYHYGQSYRGTYSTTVTGRTCQAWSSMTPHQHSRTPEN
YPNAGLTRNYCRNPDAEIRPWCYTMDPSVRWEYCNLTQCLVTESSVLATLTVVPDPSTEASSEEAPTEQSPGVQDCYHGD
GQSYRGSFSTTVTGRTCQSWSSMTPHWHQRTTEYYPNGGLTRNYCRNPDAEISPWCYTMDPNVRWEYCNLTQCPVTESSV
LATSTAVSEQAPTEQSPTVQDCYHGDGQSYRGSFSTTVTGRTCQSWSSMTPHWHQRTTEYYPNGGLTRNYCRNPDAEIRP
WCYTMDPSVRWEYCNLTQCPVMESTLLTTPTVVPVPSTELPSEEAPTENSTGVQDCYRGDGQSYRGTLSTTITGRTCQSW
SSMTPHWHRRIPLYYPNAGLTRNYCRNPDAEIRPWCYTMDPSVRWEYCNLTRCPVTESSVLTTPTVAPVPSTEAPSEQAP
PEKSPVVQDCYHGDGRSYRGISSTTVTGRTCQSWSSMIPHWHQRTPENYPNAGLTENYCRNPDSGKQPWCYTTDPCVRWE
YCNLTQCSETESGVLETPTVVPVPSMEAHSEAAPTEQTPVVRQCYHGNGQSYRGTFSTTVTGRTCQSWSSMTPHRHQRTP
ENYPNDGLTMNYCRNPDADTGPWCFTMDPSIRWEYCNLTRCSDTEGTVVAPPTVIQVPSLGPPSEQDCMFGNGKGYRGKK
ATTVTGTPCQEWAAQEPHRHSTFIPGTNKWAGLEKNYCRNPDGDINGPWCYTMNPRKLFDYCDIPLCASSSFDCGKPQVE
PKKCPGSIVGGCVAHPHSWPWQVSLRTRFGKHFCGGTLISPEWVLTAAHCLKKSSRPSSYKVILGAHQEVNLESHVQEIE
VSRLFLEPTQADIALLKLSRPAVITDKVMPACLPSPDYMVTARTECYITGWGETQGTFGTGLLKEAQLLVIENEVCNHYK
YICAEHLARGTDSCQGDSGGPLVCFEKDKYILQGVTSWGLGCARPNKPGVYARVSRFVTWIEGMMRNN
;
_struct_ref.pdbx_db_isoform            ? 
# 
_struct_ref_seq.align_id                      1 
_struct_ref_seq.ref_id                        1 
_struct_ref_seq.pdbx_PDB_id_code              1KIV 
_struct_ref_seq.pdbx_strand_id                A 
_struct_ref_seq.seq_align_beg                 1 
_struct_ref_seq.pdbx_seq_align_beg_ins_code   ? 
_struct_ref_seq.seq_align_end                 78 
_struct_ref_seq.pdbx_seq_align_end_ins_code   ? 
_struct_ref_seq.pdbx_db_accession             P08519 
_struct_ref_seq.db_align_beg                  4124 
_struct_ref_seq.pdbx_db_align_beg_ins_code    ? 
_struct_ref_seq.db_align_end                  4201 
_struct_ref_seq.pdbx_db_align_end_ins_code    ? 
_struct_ref_seq.pdbx_auth_seq_align_beg       1 
_struct_ref_seq.pdbx_auth_seq_align_end       80 
# 
_pdbx_struct_assembly.id                   1 
_pdbx_struct_assembly.details              author_defined_assembly 
_pdbx_struct_assembly.method_details       ? 
_pdbx_struct_assembly.oligomeric_details   monomeric 
_pdbx_struct_assembly.oligomeric_count     1 
# 
_pdbx_struct_assembly_gen.assembly_id       1 
_pdbx_struct_assembly_gen.oper_expression   1 
_pdbx_struct_assembly_gen.asym_id_list      A,B 
# 
_pdbx_struct_oper_list.id                   1 
_pdbx_struct_oper_list.type                 'identity operation' 
_pdbx_struct_oper_list.name                 1_555 
_pdbx_struct_oper_list.symmetry_operation   x,y,z 
_pdbx_struct_oper_list.matrix[1][1]         1.0000000000 
_pdbx_struct_oper_list.matrix[1][2]         0.0000000000 
_pdbx_struct_oper_list.matrix[1][3]         0.0000000000 
_pdbx_struct_oper_list.vector[1]            0.0000000000 
_pdbx_struct_oper_list.matrix[2][1]         0.0000000000 
_pdbx_struct_oper_list.matrix[2][2]         1.0000000000 
_pdbx_struct_oper_list.matrix[2][3]         0.0000000000 
_pdbx_struct_oper_list.vector[2]            0.0000000000 
_pdbx_struct_oper_list.matrix[3][1]         0.0000000000 
_pdbx_struct_oper_list.matrix[3][2]         0.0000000000 
_pdbx_struct_oper_list.matrix[3][3]         1.0000000000 
_pdbx_struct_oper_list.vector[3]            0.0000000000 
# 
_struct_biol.id   1 
# 
loop_
_struct_conn.id 
_struct_conn.conn_type_id 
_struct_conn.pdbx_leaving_atom_flag 
_struct_conn.pdbx_PDB_id 
_struct_conn.ptnr1_label_asym_id 
_struct_conn.ptnr1_label_comp_id 
_struct_conn.ptnr1_label_seq_id 
_struct_conn.ptnr1_label_atom_id 
_struct_conn.pdbx_ptnr1_label_alt_id 
_struct_conn.pdbx_ptnr1_PDB_ins_code 
_struct_conn.pdbx_ptnr1_standard_comp_id 
_struct_conn.ptnr1_symmetry 
_struct_conn.ptnr2_label_asym_id 
_struct_conn.ptnr2_label_comp_id 
_struct_conn.ptnr2_label_seq_id 
_struct_conn.ptnr2_label_atom_id 
_struct_conn.pdbx_ptnr2_label_alt_id 
_struct_conn.pdbx_ptnr2_PDB_ins_code 
_struct_conn.ptnr1_auth_asym_id 
_struct_conn.ptnr1_auth_comp_id 
_struct_conn.ptnr1_auth_seq_id 
_struct_conn.ptnr2_auth_asym_id 
_struct_conn.ptnr2_auth_comp_id 
_struct_conn.ptnr2_auth_seq_id 
_struct_conn.ptnr2_symmetry 
_struct_conn.pdbx_ptnr3_label_atom_id 
_struct_conn.pdbx_ptnr3_label_seq_id 
_struct_conn.pdbx_ptnr3_label_comp_id 
_struct_conn.pdbx_ptnr3_label_asym_id 
_struct_conn.pdbx_ptnr3_label_alt_id 
_struct_conn.pdbx_ptnr3_PDB_ins_code 
_struct_conn.details 
_struct_conn.pdbx_dist_value 
_struct_conn.pdbx_value_order 
_struct_conn.pdbx_role 
disulf1 disulf ? ? A CYS 1  SG ? ? ? 1_555 A CYS 78 SG ? ? A CYS 1  A CYS 80 1_555 ? ? ? ? ? ? ? 2.078 ? ? 
disulf2 disulf ? ? A CYS 22 SG ? ? ? 1_555 A CYS 61 SG ? ? A CYS 22 A CYS 63 1_555 ? ? ? ? ? ? ? 2.003 ? ? 
disulf3 disulf ? ? A CYS 50 SG ? ? ? 1_555 A CYS 73 SG ? ? A CYS 51 A CYS 75 1_555 ? ? ? ? ? ? ? 2.042 ? ? 
# 
_struct_conn_type.id          disulf 
_struct_conn_type.criteria    ? 
_struct_conn_type.reference   ? 
# 
loop_
_pdbx_modification_feature.ordinal 
_pdbx_modification_feature.label_comp_id 
_pdbx_modification_feature.label_asym_id 
_pdbx_modification_feature.label_seq_id 
_pdbx_modification_feature.label_alt_id 
_pdbx_modification_feature.modified_residue_label_comp_id 
_pdbx_modification_feature.modified_residue_label_asym_id 
_pdbx_modification_feature.modified_residue_label_seq_id 
_pdbx_modification_feature.modified_residue_label_alt_id 
_pdbx_modification_feature.auth_comp_id 
_pdbx_modification_feature.auth_asym_id 
_pdbx_modification_feature.auth_seq_id 
_pdbx_modification_feature.PDB_ins_code 
_pdbx_modification_feature.symmetry 
_pdbx_modification_feature.modified_residue_auth_comp_id 
_pdbx_modification_feature.modified_residue_auth_asym_id 
_pdbx_modification_feature.modified_residue_auth_seq_id 
_pdbx_modification_feature.modified_residue_PDB_ins_code 
_pdbx_modification_feature.modified_residue_symmetry 
_pdbx_modification_feature.comp_id_linking_atom 
_pdbx_modification_feature.modified_residue_id_linking_atom 
_pdbx_modification_feature.modified_residue_id 
_pdbx_modification_feature.ref_pcm_id 
_pdbx_modification_feature.ref_comp_id 
_pdbx_modification_feature.type 
_pdbx_modification_feature.category 
1 CYS A 1  ? CYS A 78 ? CYS A 1  ? 1_555 CYS A 80 ? 1_555 SG SG . . . None 'Disulfide bridge' 
2 CYS A 22 ? CYS A 61 ? CYS A 22 ? 1_555 CYS A 63 ? 1_555 SG SG . . . None 'Disulfide bridge' 
3 CYS A 50 ? CYS A 73 ? CYS A 51 ? 1_555 CYS A 75 ? 1_555 SG SG . . . None 'Disulfide bridge' 
# 
_struct_mon_prot_cis.pdbx_id                1 
_struct_mon_prot_cis.label_comp_id          THR 
_struct_mon_prot_cis.label_seq_id           29 
_struct_mon_prot_cis.label_asym_id          A 
_struct_mon_prot_cis.label_alt_id           . 
_struct_mon_prot_cis.pdbx_PDB_ins_code      ? 
_struct_mon_prot_cis.auth_comp_id           THR 
_struct_mon_prot_cis.auth_seq_id            29 
_struct_mon_prot_cis.auth_asym_id           A 
_struct_mon_prot_cis.pdbx_label_comp_id_2   PRO 
_struct_mon_prot_cis.pdbx_label_seq_id_2    30 
_struct_mon_prot_cis.pdbx_label_asym_id_2   A 
_struct_mon_prot_cis.pdbx_PDB_ins_code_2    ? 
_struct_mon_prot_cis.pdbx_auth_comp_id_2    PRO 
_struct_mon_prot_cis.pdbx_auth_seq_id_2     30 
_struct_mon_prot_cis.pdbx_auth_asym_id_2    A 
_struct_mon_prot_cis.pdbx_PDB_model_num     1 
_struct_mon_prot_cis.pdbx_omega_angle       -2.16 
# 
_struct_sheet.id               A 
_struct_sheet.type             ? 
_struct_sheet.number_strands   2 
_struct_sheet.details          ? 
# 
_struct_sheet_order.sheet_id     A 
_struct_sheet_order.range_id_1   1 
_struct_sheet_order.range_id_2   2 
_struct_sheet_order.offset       ? 
_struct_sheet_order.sense        anti-parallel 
# 
loop_
_struct_sheet_range.sheet_id 
_struct_sheet_range.id 
_struct_sheet_range.beg_label_comp_id 
_struct_sheet_range.beg_label_asym_id 
_struct_sheet_range.beg_label_seq_id 
_struct_sheet_range.pdbx_beg_PDB_ins_code 
_struct_sheet_range.end_label_comp_id 
_struct_sheet_range.end_label_asym_id 
_struct_sheet_range.end_label_seq_id 
_struct_sheet_range.pdbx_end_PDB_ins_code 
_struct_sheet_range.beg_auth_comp_id 
_struct_sheet_range.beg_auth_asym_id 
_struct_sheet_range.beg_auth_seq_id 
_struct_sheet_range.end_auth_comp_id 
_struct_sheet_range.end_auth_asym_id 
_struct_sheet_range.end_auth_seq_id 
A 1 TRP A 60 ? PHE A 62 ? TRP A 62 PHE A 64 
A 2 TRP A 70 ? TYR A 72 ? TRP A 72 TYR A 74 
# 
_pdbx_struct_sheet_hbond.sheet_id                A 
_pdbx_struct_sheet_hbond.range_id_1              1 
_pdbx_struct_sheet_hbond.range_id_2              2 
_pdbx_struct_sheet_hbond.range_1_label_atom_id   O 
_pdbx_struct_sheet_hbond.range_1_label_comp_id   CYS 
_pdbx_struct_sheet_hbond.range_1_label_asym_id   A 
_pdbx_struct_sheet_hbond.range_1_label_seq_id    61 
_pdbx_struct_sheet_hbond.range_1_PDB_ins_code    ? 
_pdbx_struct_sheet_hbond.range_1_auth_atom_id    O 
_pdbx_struct_sheet_hbond.range_1_auth_comp_id    CYS 
_pdbx_struct_sheet_hbond.range_1_auth_asym_id    A 
_pdbx_struct_sheet_hbond.range_1_auth_seq_id     63 
_pdbx_struct_sheet_hbond.range_2_label_atom_id   N 
_pdbx_struct_sheet_hbond.range_2_label_comp_id   GLU 
_pdbx_struct_sheet_hbond.range_2_label_asym_id   A 
_pdbx_struct_sheet_hbond.range_2_label_seq_id    71 
_pdbx_struct_sheet_hbond.range_2_PDB_ins_code    ? 
_pdbx_struct_sheet_hbond.range_2_auth_atom_id    N 
_pdbx_struct_sheet_hbond.range_2_auth_comp_id    GLU 
_pdbx_struct_sheet_hbond.range_2_auth_asym_id    A 
_pdbx_struct_sheet_hbond.range_2_auth_seq_id     73 
# 
_struct_site.id                   LBS 
_struct_site.pdbx_evidence_code   Unknown 
_struct_site.pdbx_auth_asym_id    ? 
_struct_site.pdbx_auth_comp_id    ? 
_struct_site.pdbx_auth_seq_id     ? 
_struct_site.pdbx_auth_ins_code   ? 
_struct_site.pdbx_num_residues    6 
_struct_site.details              'LYSINE BINDING SITE' 
# 
loop_
_struct_site_gen.id 
_struct_site_gen.site_id 
_struct_site_gen.pdbx_num_res 
_struct_site_gen.label_comp_id 
_struct_site_gen.label_asym_id 
_struct_site_gen.label_seq_id 
_struct_site_gen.pdbx_auth_ins_code 
_struct_site_gen.auth_comp_id 
_struct_site_gen.auth_asym_id 
_struct_site_gen.auth_seq_id 
_struct_site_gen.label_atom_id 
_struct_site_gen.label_alt_id 
_struct_site_gen.symmetry 
_struct_site_gen.details 
1 LBS 6 ARG A 35 ? ARG A 35 . ? 1_555 ? 
2 LBS 6 ASP A 54 ? ASP A 55 . ? 1_555 ? 
3 LBS 6 ASP A 56 ? ASP A 57 . ? 1_555 ? 
4 LBS 6 TRP A 60 ? TRP A 62 . ? 1_555 ? 
5 LBS 6 ARG A 69 ? ARG A 71 . ? 1_555 ? 
6 LBS 6 TRP A 70 ? TRP A 72 . ? 1_555 ? 
# 
_pdbx_entry_details.entry_id                   1KIV 
_pdbx_entry_details.compound_details           
;N-TERMINAL (VRQ) AND C-TERMINAL (SDTEGTV) INTERKRINGULAR
PARTS ARE DISORDERED. THE P30 RESIDUE IS IN CIS
CONFORMATION.  M66T POLYMORPHISM IS BIOLOGICALLY SILENT.
;
_pdbx_entry_details.source_details             ? 
_pdbx_entry_details.nonpolymer_details         ? 
_pdbx_entry_details.sequence_details           ? 
_pdbx_entry_details.has_ligand_of_interest     ? 
_pdbx_entry_details.has_protein_modification   Y 
# 
loop_
_pdbx_validate_close_contact.id 
_pdbx_validate_close_contact.PDB_model_num 
_pdbx_validate_close_contact.auth_atom_id_1 
_pdbx_validate_close_contact.auth_asym_id_1 
_pdbx_validate_close_contact.auth_comp_id_1 
_pdbx_validate_close_contact.auth_seq_id_1 
_pdbx_validate_close_contact.PDB_ins_code_1 
_pdbx_validate_close_contact.label_alt_id_1 
_pdbx_validate_close_contact.auth_atom_id_2 
_pdbx_validate_close_contact.auth_asym_id_2 
_pdbx_validate_close_contact.auth_comp_id_2 
_pdbx_validate_close_contact.auth_seq_id_2 
_pdbx_validate_close_contact.PDB_ins_code_2 
_pdbx_validate_close_contact.label_alt_id_2 
_pdbx_validate_close_contact.dist 
1 1 CG2 A THR 18 ? ? NH2 A ARG 20 ? ? 2.06 
2 1 OG1 A THR 16 ? ? OE2 A GLU 73 ? ? 2.11 
3 1 CB  A CYS 1  ? ? O   A THR 78 ? ? 2.14 
# 
loop_
_pdbx_validate_rmsd_angle.id 
_pdbx_validate_rmsd_angle.PDB_model_num 
_pdbx_validate_rmsd_angle.auth_atom_id_1 
_pdbx_validate_rmsd_angle.auth_asym_id_1 
_pdbx_validate_rmsd_angle.auth_comp_id_1 
_pdbx_validate_rmsd_angle.auth_seq_id_1 
_pdbx_validate_rmsd_angle.PDB_ins_code_1 
_pdbx_validate_rmsd_angle.label_alt_id_1 
_pdbx_validate_rmsd_angle.auth_atom_id_2 
_pdbx_validate_rmsd_angle.auth_asym_id_2 
_pdbx_validate_rmsd_angle.auth_comp_id_2 
_pdbx_validate_rmsd_angle.auth_seq_id_2 
_pdbx_validate_rmsd_angle.PDB_ins_code_2 
_pdbx_validate_rmsd_angle.label_alt_id_2 
_pdbx_validate_rmsd_angle.auth_atom_id_3 
_pdbx_validate_rmsd_angle.auth_asym_id_3 
_pdbx_validate_rmsd_angle.auth_comp_id_3 
_pdbx_validate_rmsd_angle.auth_seq_id_3 
_pdbx_validate_rmsd_angle.PDB_ins_code_3 
_pdbx_validate_rmsd_angle.label_alt_id_3 
_pdbx_validate_rmsd_angle.angle_value 
_pdbx_validate_rmsd_angle.angle_target_value 
_pdbx_validate_rmsd_angle.angle_deviation 
_pdbx_validate_rmsd_angle.angle_standard_deviation 
_pdbx_validate_rmsd_angle.linker_flag 
1  1 NE A ARG 10 ? ? CZ A ARG 10 ? ? NH1 A ARG 10 ? ? 124.97 120.30 4.67  0.50 N 
2  1 NE A ARG 10 ? ? CZ A ARG 10 ? ? NH2 A ARG 10 ? ? 116.52 120.30 -3.78 0.50 N 
3  1 CB A VAL 17 ? ? CA A VAL 17 ? ? C   A VAL 17 ? ? 122.95 111.40 11.55 1.90 N 
4  1 NE A ARG 20 ? ? CZ A ARG 20 ? ? NH1 A ARG 20 ? ? 123.67 120.30 3.37  0.50 N 
5  1 NE A ARG 20 ? ? CZ A ARG 20 ? ? NH2 A ARG 20 ? ? 116.44 120.30 -3.86 0.50 N 
6  1 NE A ARG 32 ? ? CZ A ARG 32 ? ? NH1 A ARG 32 ? ? 124.81 120.30 4.51  0.50 N 
7  1 CD A ARG 52 ? ? NE A ARG 52 ? ? CZ  A ARG 52 ? ? 136.28 123.60 12.68 1.40 N 
8  1 NE A ARG 52 ? ? CZ A ARG 52 ? ? NH1 A ARG 52 ? ? 127.88 120.30 7.58  0.50 N 
9  1 NE A ARG 52 ? ? CZ A ARG 52 ? ? NH2 A ARG 52 ? ? 116.56 120.30 -3.74 0.50 N 
10 1 CB A ASP 67 ? ? CG A ASP 67 ? ? OD2 A ASP 67 ? ? 112.32 118.30 -5.98 0.90 N 
11 1 NE A ARG 71 ? ? CZ A ARG 71 ? ? NH1 A ARG 71 ? ? 125.40 120.30 5.10  0.50 N 
12 1 NE A ARG 71 ? ? CZ A ARG 71 ? ? NH2 A ARG 71 ? ? 116.13 120.30 -4.17 0.50 N 
13 1 CA A GLU 73 ? ? CB A GLU 73 ? ? CG  A GLU 73 ? ? 126.94 113.40 13.54 2.20 N 
# 
loop_
_pdbx_validate_torsion.id 
_pdbx_validate_torsion.PDB_model_num 
_pdbx_validate_torsion.auth_comp_id 
_pdbx_validate_torsion.auth_asym_id 
_pdbx_validate_torsion.auth_seq_id 
_pdbx_validate_torsion.PDB_ins_code 
_pdbx_validate_torsion.label_alt_id 
_pdbx_validate_torsion.phi 
_pdbx_validate_torsion.psi 
1 1 LEU A 46 ? ? -55.58  41.71   
2 1 MET A 48 ? ? 41.73   -129.18 
3 1 TYR A 50 ? ? -46.24  154.29  
4 1 ASP A 57 ? ? -75.75  -169.84 
5 1 TRP A 62 ? ? -126.16 -158.31 
6 1 CYS A 63 ? ? 176.42  161.22  
7 1 ARG A 79 ? ? -60.04  86.26   
# 
_pdbx_validate_planes.id              1 
_pdbx_validate_planes.PDB_model_num   1 
_pdbx_validate_planes.auth_comp_id    ARG 
_pdbx_validate_planes.auth_asym_id    A 
_pdbx_validate_planes.auth_seq_id     20 
_pdbx_validate_planes.PDB_ins_code    ? 
_pdbx_validate_planes.label_alt_id    ? 
_pdbx_validate_planes.rmsd            0.138 
_pdbx_validate_planes.type            'SIDE CHAIN' 
# 
loop_
_chem_comp_atom.comp_id 
_chem_comp_atom.atom_id 
_chem_comp_atom.type_symbol 
_chem_comp_atom.pdbx_aromatic_flag 
_chem_comp_atom.pdbx_stereo_config 
_chem_comp_atom.pdbx_ordinal 
ALA N    N N N 1   
ALA CA   C N S 2   
ALA C    C N N 3   
ALA O    O N N 4   
ALA CB   C N N 5   
ALA OXT  O N N 6   
ALA H    H N N 7   
ALA H2   H N N 8   
ALA HA   H N N 9   
ALA HB1  H N N 10  
ALA HB2  H N N 11  
ALA HB3  H N N 12  
ALA HXT  H N N 13  
ARG N    N N N 14  
ARG CA   C N S 15  
ARG C    C N N 16  
ARG O    O N N 17  
ARG CB   C N N 18  
ARG CG   C N N 19  
ARG CD   C N N 20  
ARG NE   N N N 21  
ARG CZ   C N N 22  
ARG NH1  N N N 23  
ARG NH2  N N N 24  
ARG OXT  O N N 25  
ARG H    H N N 26  
ARG H2   H N N 27  
ARG HA   H N N 28  
ARG HB2  H N N 29  
ARG HB3  H N N 30  
ARG HG2  H N N 31  
ARG HG3  H N N 32  
ARG HD2  H N N 33  
ARG HD3  H N N 34  
ARG HE   H N N 35  
ARG HH11 H N N 36  
ARG HH12 H N N 37  
ARG HH21 H N N 38  
ARG HH22 H N N 39  
ARG HXT  H N N 40  
ASN N    N N N 41  
ASN CA   C N S 42  
ASN C    C N N 43  
ASN O    O N N 44  
ASN CB   C N N 45  
ASN CG   C N N 46  
ASN OD1  O N N 47  
ASN ND2  N N N 48  
ASN OXT  O N N 49  
ASN H    H N N 50  
ASN H2   H N N 51  
ASN HA   H N N 52  
ASN HB2  H N N 53  
ASN HB3  H N N 54  
ASN HD21 H N N 55  
ASN HD22 H N N 56  
ASN HXT  H N N 57  
ASP N    N N N 58  
ASP CA   C N S 59  
ASP C    C N N 60  
ASP O    O N N 61  
ASP CB   C N N 62  
ASP CG   C N N 63  
ASP OD1  O N N 64  
ASP OD2  O N N 65  
ASP OXT  O N N 66  
ASP H    H N N 67  
ASP H2   H N N 68  
ASP HA   H N N 69  
ASP HB2  H N N 70  
ASP HB3  H N N 71  
ASP HD2  H N N 72  
ASP HXT  H N N 73  
CYS N    N N N 74  
CYS CA   C N R 75  
CYS C    C N N 76  
CYS O    O N N 77  
CYS CB   C N N 78  
CYS SG   S N N 79  
CYS OXT  O N N 80  
CYS H    H N N 81  
CYS H2   H N N 82  
CYS HA   H N N 83  
CYS HB2  H N N 84  
CYS HB3  H N N 85  
CYS HG   H N N 86  
CYS HXT  H N N 87  
GLN N    N N N 88  
GLN CA   C N S 89  
GLN C    C N N 90  
GLN O    O N N 91  
GLN CB   C N N 92  
GLN CG   C N N 93  
GLN CD   C N N 94  
GLN OE1  O N N 95  
GLN NE2  N N N 96  
GLN OXT  O N N 97  
GLN H    H N N 98  
GLN H2   H N N 99  
GLN HA   H N N 100 
GLN HB2  H N N 101 
GLN HB3  H N N 102 
GLN HG2  H N N 103 
GLN HG3  H N N 104 
GLN HE21 H N N 105 
GLN HE22 H N N 106 
GLN HXT  H N N 107 
GLU N    N N N 108 
GLU CA   C N S 109 
GLU C    C N N 110 
GLU O    O N N 111 
GLU CB   C N N 112 
GLU CG   C N N 113 
GLU CD   C N N 114 
GLU OE1  O N N 115 
GLU OE2  O N N 116 
GLU OXT  O N N 117 
GLU H    H N N 118 
GLU H2   H N N 119 
GLU HA   H N N 120 
GLU HB2  H N N 121 
GLU HB3  H N N 122 
GLU HG2  H N N 123 
GLU HG3  H N N 124 
GLU HE2  H N N 125 
GLU HXT  H N N 126 
GLY N    N N N 127 
GLY CA   C N N 128 
GLY C    C N N 129 
GLY O    O N N 130 
GLY OXT  O N N 131 
GLY H    H N N 132 
GLY H2   H N N 133 
GLY HA2  H N N 134 
GLY HA3  H N N 135 
GLY HXT  H N N 136 
HIS N    N N N 137 
HIS CA   C N S 138 
HIS C    C N N 139 
HIS O    O N N 140 
HIS CB   C N N 141 
HIS CG   C Y N 142 
HIS ND1  N Y N 143 
HIS CD2  C Y N 144 
HIS CE1  C Y N 145 
HIS NE2  N Y N 146 
HIS OXT  O N N 147 
HIS H    H N N 148 
HIS H2   H N N 149 
HIS HA   H N N 150 
HIS HB2  H N N 151 
HIS HB3  H N N 152 
HIS HD1  H N N 153 
HIS HD2  H N N 154 
HIS HE1  H N N 155 
HIS HE2  H N N 156 
HIS HXT  H N N 157 
HOH O    O N N 158 
HOH H1   H N N 159 
HOH H2   H N N 160 
ILE N    N N N 161 
ILE CA   C N S 162 
ILE C    C N N 163 
ILE O    O N N 164 
ILE CB   C N S 165 
ILE CG1  C N N 166 
ILE CG2  C N N 167 
ILE CD1  C N N 168 
ILE OXT  O N N 169 
ILE H    H N N 170 
ILE H2   H N N 171 
ILE HA   H N N 172 
ILE HB   H N N 173 
ILE HG12 H N N 174 
ILE HG13 H N N 175 
ILE HG21 H N N 176 
ILE HG22 H N N 177 
ILE HG23 H N N 178 
ILE HD11 H N N 179 
ILE HD12 H N N 180 
ILE HD13 H N N 181 
ILE HXT  H N N 182 
LEU N    N N N 183 
LEU CA   C N S 184 
LEU C    C N N 185 
LEU O    O N N 186 
LEU CB   C N N 187 
LEU CG   C N N 188 
LEU CD1  C N N 189 
LEU CD2  C N N 190 
LEU OXT  O N N 191 
LEU H    H N N 192 
LEU H2   H N N 193 
LEU HA   H N N 194 
LEU HB2  H N N 195 
LEU HB3  H N N 196 
LEU HG   H N N 197 
LEU HD11 H N N 198 
LEU HD12 H N N 199 
LEU HD13 H N N 200 
LEU HD21 H N N 201 
LEU HD22 H N N 202 
LEU HD23 H N N 203 
LEU HXT  H N N 204 
MET N    N N N 205 
MET CA   C N S 206 
MET C    C N N 207 
MET O    O N N 208 
MET CB   C N N 209 
MET CG   C N N 210 
MET SD   S N N 211 
MET CE   C N N 212 
MET OXT  O N N 213 
MET H    H N N 214 
MET H2   H N N 215 
MET HA   H N N 216 
MET HB2  H N N 217 
MET HB3  H N N 218 
MET HG2  H N N 219 
MET HG3  H N N 220 
MET HE1  H N N 221 
MET HE2  H N N 222 
MET HE3  H N N 223 
MET HXT  H N N 224 
PHE N    N N N 225 
PHE CA   C N S 226 
PHE C    C N N 227 
PHE O    O N N 228 
PHE CB   C N N 229 
PHE CG   C Y N 230 
PHE CD1  C Y N 231 
PHE CD2  C Y N 232 
PHE CE1  C Y N 233 
PHE CE2  C Y N 234 
PHE CZ   C Y N 235 
PHE OXT  O N N 236 
PHE H    H N N 237 
PHE H2   H N N 238 
PHE HA   H N N 239 
PHE HB2  H N N 240 
PHE HB3  H N N 241 
PHE HD1  H N N 242 
PHE HD2  H N N 243 
PHE HE1  H N N 244 
PHE HE2  H N N 245 
PHE HZ   H N N 246 
PHE HXT  H N N 247 
PRO N    N N N 248 
PRO CA   C N S 249 
PRO C    C N N 250 
PRO O    O N N 251 
PRO CB   C N N 252 
PRO CG   C N N 253 
PRO CD   C N N 254 
PRO OXT  O N N 255 
PRO H    H N N 256 
PRO HA   H N N 257 
PRO HB2  H N N 258 
PRO HB3  H N N 259 
PRO HG2  H N N 260 
PRO HG3  H N N 261 
PRO HD2  H N N 262 
PRO HD3  H N N 263 
PRO HXT  H N N 264 
SER N    N N N 265 
SER CA   C N S 266 
SER C    C N N 267 
SER O    O N N 268 
SER CB   C N N 269 
SER OG   O N N 270 
SER OXT  O N N 271 
SER H    H N N 272 
SER H2   H N N 273 
SER HA   H N N 274 
SER HB2  H N N 275 
SER HB3  H N N 276 
SER HG   H N N 277 
SER HXT  H N N 278 
THR N    N N N 279 
THR CA   C N S 280 
THR C    C N N 281 
THR O    O N N 282 
THR CB   C N R 283 
THR OG1  O N N 284 
THR CG2  C N N 285 
THR OXT  O N N 286 
THR H    H N N 287 
THR H2   H N N 288 
THR HA   H N N 289 
THR HB   H N N 290 
THR HG1  H N N 291 
THR HG21 H N N 292 
THR HG22 H N N 293 
THR HG23 H N N 294 
THR HXT  H N N 295 
TRP N    N N N 296 
TRP CA   C N S 297 
TRP C    C N N 298 
TRP O    O N N 299 
TRP CB   C N N 300 
TRP CG   C Y N 301 
TRP CD1  C Y N 302 
TRP CD2  C Y N 303 
TRP NE1  N Y N 304 
TRP CE2  C Y N 305 
TRP CE3  C Y N 306 
TRP CZ2  C Y N 307 
TRP CZ3  C Y N 308 
TRP CH2  C Y N 309 
TRP OXT  O N N 310 
TRP H    H N N 311 
TRP H2   H N N 312 
TRP HA   H N N 313 
TRP HB2  H N N 314 
TRP HB3  H N N 315 
TRP HD1  H N N 316 
TRP HE1  H N N 317 
TRP HE3  H N N 318 
TRP HZ2  H N N 319 
TRP HZ3  H N N 320 
TRP HH2  H N N 321 
TRP HXT  H N N 322 
TYR N    N N N 323 
TYR CA   C N S 324 
TYR C    C N N 325 
TYR O    O N N 326 
TYR CB   C N N 327 
TYR CG   C Y N 328 
TYR CD1  C Y N 329 
TYR CD2  C Y N 330 
TYR CE1  C Y N 331 
TYR CE2  C Y N 332 
TYR CZ   C Y N 333 
TYR OH   O N N 334 
TYR OXT  O N N 335 
TYR H    H N N 336 
TYR H2   H N N 337 
TYR HA   H N N 338 
TYR HB2  H N N 339 
TYR HB3  H N N 340 
TYR HD1  H N N 341 
TYR HD2  H N N 342 
TYR HE1  H N N 343 
TYR HE2  H N N 344 
TYR HH   H N N 345 
TYR HXT  H N N 346 
VAL N    N N N 347 
VAL CA   C N S 348 
VAL C    C N N 349 
VAL O    O N N 350 
VAL CB   C N N 351 
VAL CG1  C N N 352 
VAL CG2  C N N 353 
VAL OXT  O N N 354 
VAL H    H N N 355 
VAL H2   H N N 356 
VAL HA   H N N 357 
VAL HB   H N N 358 
VAL HG11 H N N 359 
VAL HG12 H N N 360 
VAL HG13 H N N 361 
VAL HG21 H N N 362 
VAL HG22 H N N 363 
VAL HG23 H N N 364 
VAL HXT  H N N 365 
# 
loop_
_chem_comp_bond.comp_id 
_chem_comp_bond.atom_id_1 
_chem_comp_bond.atom_id_2 
_chem_comp_bond.value_order 
_chem_comp_bond.pdbx_aromatic_flag 
_chem_comp_bond.pdbx_stereo_config 
_chem_comp_bond.pdbx_ordinal 
ALA N   CA   sing N N 1   
ALA N   H    sing N N 2   
ALA N   H2   sing N N 3   
ALA CA  C    sing N N 4   
ALA CA  CB   sing N N 5   
ALA CA  HA   sing N N 6   
ALA C   O    doub N N 7   
ALA C   OXT  sing N N 8   
ALA CB  HB1  sing N N 9   
ALA CB  HB2  sing N N 10  
ALA CB  HB3  sing N N 11  
ALA OXT HXT  sing N N 12  
ARG N   CA   sing N N 13  
ARG N   H    sing N N 14  
ARG N   H2   sing N N 15  
ARG CA  C    sing N N 16  
ARG CA  CB   sing N N 17  
ARG CA  HA   sing N N 18  
ARG C   O    doub N N 19  
ARG C   OXT  sing N N 20  
ARG CB  CG   sing N N 21  
ARG CB  HB2  sing N N 22  
ARG CB  HB3  sing N N 23  
ARG CG  CD   sing N N 24  
ARG CG  HG2  sing N N 25  
ARG CG  HG3  sing N N 26  
ARG CD  NE   sing N N 27  
ARG CD  HD2  sing N N 28  
ARG CD  HD3  sing N N 29  
ARG NE  CZ   sing N N 30  
ARG NE  HE   sing N N 31  
ARG CZ  NH1  sing N N 32  
ARG CZ  NH2  doub N N 33  
ARG NH1 HH11 sing N N 34  
ARG NH1 HH12 sing N N 35  
ARG NH2 HH21 sing N N 36  
ARG NH2 HH22 sing N N 37  
ARG OXT HXT  sing N N 38  
ASN N   CA   sing N N 39  
ASN N   H    sing N N 40  
ASN N   H2   sing N N 41  
ASN CA  C    sing N N 42  
ASN CA  CB   sing N N 43  
ASN CA  HA   sing N N 44  
ASN C   O    doub N N 45  
ASN C   OXT  sing N N 46  
ASN CB  CG   sing N N 47  
ASN CB  HB2  sing N N 48  
ASN CB  HB3  sing N N 49  
ASN CG  OD1  doub N N 50  
ASN CG  ND2  sing N N 51  
ASN ND2 HD21 sing N N 52  
ASN ND2 HD22 sing N N 53  
ASN OXT HXT  sing N N 54  
ASP N   CA   sing N N 55  
ASP N   H    sing N N 56  
ASP N   H2   sing N N 57  
ASP CA  C    sing N N 58  
ASP CA  CB   sing N N 59  
ASP CA  HA   sing N N 60  
ASP C   O    doub N N 61  
ASP C   OXT  sing N N 62  
ASP CB  CG   sing N N 63  
ASP CB  HB2  sing N N 64  
ASP CB  HB3  sing N N 65  
ASP CG  OD1  doub N N 66  
ASP CG  OD2  sing N N 67  
ASP OD2 HD2  sing N N 68  
ASP OXT HXT  sing N N 69  
CYS N   CA   sing N N 70  
CYS N   H    sing N N 71  
CYS N   H2   sing N N 72  
CYS CA  C    sing N N 73  
CYS CA  CB   sing N N 74  
CYS CA  HA   sing N N 75  
CYS C   O    doub N N 76  
CYS C   OXT  sing N N 77  
CYS CB  SG   sing N N 78  
CYS CB  HB2  sing N N 79  
CYS CB  HB3  sing N N 80  
CYS SG  HG   sing N N 81  
CYS OXT HXT  sing N N 82  
GLN N   CA   sing N N 83  
GLN N   H    sing N N 84  
GLN N   H2   sing N N 85  
GLN CA  C    sing N N 86  
GLN CA  CB   sing N N 87  
GLN CA  HA   sing N N 88  
GLN C   O    doub N N 89  
GLN C   OXT  sing N N 90  
GLN CB  CG   sing N N 91  
GLN CB  HB2  sing N N 92  
GLN CB  HB3  sing N N 93  
GLN CG  CD   sing N N 94  
GLN CG  HG2  sing N N 95  
GLN CG  HG3  sing N N 96  
GLN CD  OE1  doub N N 97  
GLN CD  NE2  sing N N 98  
GLN NE2 HE21 sing N N 99  
GLN NE2 HE22 sing N N 100 
GLN OXT HXT  sing N N 101 
GLU N   CA   sing N N 102 
GLU N   H    sing N N 103 
GLU N   H2   sing N N 104 
GLU CA  C    sing N N 105 
GLU CA  CB   sing N N 106 
GLU CA  HA   sing N N 107 
GLU C   O    doub N N 108 
GLU C   OXT  sing N N 109 
GLU CB  CG   sing N N 110 
GLU CB  HB2  sing N N 111 
GLU CB  HB3  sing N N 112 
GLU CG  CD   sing N N 113 
GLU CG  HG2  sing N N 114 
GLU CG  HG3  sing N N 115 
GLU CD  OE1  doub N N 116 
GLU CD  OE2  sing N N 117 
GLU OE2 HE2  sing N N 118 
GLU OXT HXT  sing N N 119 
GLY N   CA   sing N N 120 
GLY N   H    sing N N 121 
GLY N   H2   sing N N 122 
GLY CA  C    sing N N 123 
GLY CA  HA2  sing N N 124 
GLY CA  HA3  sing N N 125 
GLY C   O    doub N N 126 
GLY C   OXT  sing N N 127 
GLY OXT HXT  sing N N 128 
HIS N   CA   sing N N 129 
HIS N   H    sing N N 130 
HIS N   H2   sing N N 131 
HIS CA  C    sing N N 132 
HIS CA  CB   sing N N 133 
HIS CA  HA   sing N N 134 
HIS C   O    doub N N 135 
HIS C   OXT  sing N N 136 
HIS CB  CG   sing N N 137 
HIS CB  HB2  sing N N 138 
HIS CB  HB3  sing N N 139 
HIS CG  ND1  sing Y N 140 
HIS CG  CD2  doub Y N 141 
HIS ND1 CE1  doub Y N 142 
HIS ND1 HD1  sing N N 143 
HIS CD2 NE2  sing Y N 144 
HIS CD2 HD2  sing N N 145 
HIS CE1 NE2  sing Y N 146 
HIS CE1 HE1  sing N N 147 
HIS NE2 HE2  sing N N 148 
HIS OXT HXT  sing N N 149 
HOH O   H1   sing N N 150 
HOH O   H2   sing N N 151 
ILE N   CA   sing N N 152 
ILE N   H    sing N N 153 
ILE N   H2   sing N N 154 
ILE CA  C    sing N N 155 
ILE CA  CB   sing N N 156 
ILE CA  HA   sing N N 157 
ILE C   O    doub N N 158 
ILE C   OXT  sing N N 159 
ILE CB  CG1  sing N N 160 
ILE CB  CG2  sing N N 161 
ILE CB  HB   sing N N 162 
ILE CG1 CD1  sing N N 163 
ILE CG1 HG12 sing N N 164 
ILE CG1 HG13 sing N N 165 
ILE CG2 HG21 sing N N 166 
ILE CG2 HG22 sing N N 167 
ILE CG2 HG23 sing N N 168 
ILE CD1 HD11 sing N N 169 
ILE CD1 HD12 sing N N 170 
ILE CD1 HD13 sing N N 171 
ILE OXT HXT  sing N N 172 
LEU N   CA   sing N N 173 
LEU N   H    sing N N 174 
LEU N   H2   sing N N 175 
LEU CA  C    sing N N 176 
LEU CA  CB   sing N N 177 
LEU CA  HA   sing N N 178 
LEU C   O    doub N N 179 
LEU C   OXT  sing N N 180 
LEU CB  CG   sing N N 181 
LEU CB  HB2  sing N N 182 
LEU CB  HB3  sing N N 183 
LEU CG  CD1  sing N N 184 
LEU CG  CD2  sing N N 185 
LEU CG  HG   sing N N 186 
LEU CD1 HD11 sing N N 187 
LEU CD1 HD12 sing N N 188 
LEU CD1 HD13 sing N N 189 
LEU CD2 HD21 sing N N 190 
LEU CD2 HD22 sing N N 191 
LEU CD2 HD23 sing N N 192 
LEU OXT HXT  sing N N 193 
MET N   CA   sing N N 194 
MET N   H    sing N N 195 
MET N   H2   sing N N 196 
MET CA  C    sing N N 197 
MET CA  CB   sing N N 198 
MET CA  HA   sing N N 199 
MET C   O    doub N N 200 
MET C   OXT  sing N N 201 
MET CB  CG   sing N N 202 
MET CB  HB2  sing N N 203 
MET CB  HB3  sing N N 204 
MET CG  SD   sing N N 205 
MET CG  HG2  sing N N 206 
MET CG  HG3  sing N N 207 
MET SD  CE   sing N N 208 
MET CE  HE1  sing N N 209 
MET CE  HE2  sing N N 210 
MET CE  HE3  sing N N 211 
MET OXT HXT  sing N N 212 
PHE N   CA   sing N N 213 
PHE N   H    sing N N 214 
PHE N   H2   sing N N 215 
PHE CA  C    sing N N 216 
PHE CA  CB   sing N N 217 
PHE CA  HA   sing N N 218 
PHE C   O    doub N N 219 
PHE C   OXT  sing N N 220 
PHE CB  CG   sing N N 221 
PHE CB  HB2  sing N N 222 
PHE CB  HB3  sing N N 223 
PHE CG  CD1  doub Y N 224 
PHE CG  CD2  sing Y N 225 
PHE CD1 CE1  sing Y N 226 
PHE CD1 HD1  sing N N 227 
PHE CD2 CE2  doub Y N 228 
PHE CD2 HD2  sing N N 229 
PHE CE1 CZ   doub Y N 230 
PHE CE1 HE1  sing N N 231 
PHE CE2 CZ   sing Y N 232 
PHE CE2 HE2  sing N N 233 
PHE CZ  HZ   sing N N 234 
PHE OXT HXT  sing N N 235 
PRO N   CA   sing N N 236 
PRO N   CD   sing N N 237 
PRO N   H    sing N N 238 
PRO CA  C    sing N N 239 
PRO CA  CB   sing N N 240 
PRO CA  HA   sing N N 241 
PRO C   O    doub N N 242 
PRO C   OXT  sing N N 243 
PRO CB  CG   sing N N 244 
PRO CB  HB2  sing N N 245 
PRO CB  HB3  sing N N 246 
PRO CG  CD   sing N N 247 
PRO CG  HG2  sing N N 248 
PRO CG  HG3  sing N N 249 
PRO CD  HD2  sing N N 250 
PRO CD  HD3  sing N N 251 
PRO OXT HXT  sing N N 252 
SER N   CA   sing N N 253 
SER N   H    sing N N 254 
SER N   H2   sing N N 255 
SER CA  C    sing N N 256 
SER CA  CB   sing N N 257 
SER CA  HA   sing N N 258 
SER C   O    doub N N 259 
SER C   OXT  sing N N 260 
SER CB  OG   sing N N 261 
SER CB  HB2  sing N N 262 
SER CB  HB3  sing N N 263 
SER OG  HG   sing N N 264 
SER OXT HXT  sing N N 265 
THR N   CA   sing N N 266 
THR N   H    sing N N 267 
THR N   H2   sing N N 268 
THR CA  C    sing N N 269 
THR CA  CB   sing N N 270 
THR CA  HA   sing N N 271 
THR C   O    doub N N 272 
THR C   OXT  sing N N 273 
THR CB  OG1  sing N N 274 
THR CB  CG2  sing N N 275 
THR CB  HB   sing N N 276 
THR OG1 HG1  sing N N 277 
THR CG2 HG21 sing N N 278 
THR CG2 HG22 sing N N 279 
THR CG2 HG23 sing N N 280 
THR OXT HXT  sing N N 281 
TRP N   CA   sing N N 282 
TRP N   H    sing N N 283 
TRP N   H2   sing N N 284 
TRP CA  C    sing N N 285 
TRP CA  CB   sing N N 286 
TRP CA  HA   sing N N 287 
TRP C   O    doub N N 288 
TRP C   OXT  sing N N 289 
TRP CB  CG   sing N N 290 
TRP CB  HB2  sing N N 291 
TRP CB  HB3  sing N N 292 
TRP CG  CD1  doub Y N 293 
TRP CG  CD2  sing Y N 294 
TRP CD1 NE1  sing Y N 295 
TRP CD1 HD1  sing N N 296 
TRP CD2 CE2  doub Y N 297 
TRP CD2 CE3  sing Y N 298 
TRP NE1 CE2  sing Y N 299 
TRP NE1 HE1  sing N N 300 
TRP CE2 CZ2  sing Y N 301 
TRP CE3 CZ3  doub Y N 302 
TRP CE3 HE3  sing N N 303 
TRP CZ2 CH2  doub Y N 304 
TRP CZ2 HZ2  sing N N 305 
TRP CZ3 CH2  sing Y N 306 
TRP CZ3 HZ3  sing N N 307 
TRP CH2 HH2  sing N N 308 
TRP OXT HXT  sing N N 309 
TYR N   CA   sing N N 310 
TYR N   H    sing N N 311 
TYR N   H2   sing N N 312 
TYR CA  C    sing N N 313 
TYR CA  CB   sing N N 314 
TYR CA  HA   sing N N 315 
TYR C   O    doub N N 316 
TYR C   OXT  sing N N 317 
TYR CB  CG   sing N N 318 
TYR CB  HB2  sing N N 319 
TYR CB  HB3  sing N N 320 
TYR CG  CD1  doub Y N 321 
TYR CG  CD2  sing Y N 322 
TYR CD1 CE1  sing Y N 323 
TYR CD1 HD1  sing N N 324 
TYR CD2 CE2  doub Y N 325 
TYR CD2 HD2  sing N N 326 
TYR CE1 CZ   doub Y N 327 
TYR CE1 HE1  sing N N 328 
TYR CE2 CZ   sing Y N 329 
TYR CE2 HE2  sing N N 330 
TYR CZ  OH   sing N N 331 
TYR OH  HH   sing N N 332 
TYR OXT HXT  sing N N 333 
VAL N   CA   sing N N 334 
VAL N   H    sing N N 335 
VAL N   H2   sing N N 336 
VAL CA  C    sing N N 337 
VAL CA  CB   sing N N 338 
VAL CA  HA   sing N N 339 
VAL C   O    doub N N 340 
VAL C   OXT  sing N N 341 
VAL CB  CG1  sing N N 342 
VAL CB  CG2  sing N N 343 
VAL CB  HB   sing N N 344 
VAL CG1 HG11 sing N N 345 
VAL CG1 HG12 sing N N 346 
VAL CG1 HG13 sing N N 347 
VAL CG2 HG21 sing N N 348 
VAL CG2 HG22 sing N N 349 
VAL CG2 HG23 sing N N 350 
VAL OXT HXT  sing N N 351 
# 
_atom_sites.entry_id                    1KIV 
_atom_sites.fract_transf_matrix[1][1]   0.00886422 
_atom_sites.fract_transf_matrix[1][2]   -0.02405797 
_atom_sites.fract_transf_matrix[1][3]   0.03152398 
_atom_sites.fract_transf_matrix[2][1]   0.00134065 
_atom_sites.fract_transf_matrix[2][2]   0.01754973 
_atom_sites.fract_transf_matrix[2][3]   0.01301635 
_atom_sites.fract_transf_matrix[3][1]   -0.01529070 
_atom_sites.fract_transf_matrix[3][2]   -0.00129043 
_atom_sites.fract_transf_matrix[3][3]   0.00331478 
_atom_sites.fract_transf_vector[1]      0.243214 
_atom_sites.fract_transf_vector[2]      0.295851 
_atom_sites.fract_transf_vector[3]      0.225160 
# 
loop_
_atom_type.symbol 
C 
N 
O 
S 
# 
loop_
_atom_site.group_PDB 
_atom_site.id 
_atom_site.type_symbol 
_atom_site.label_atom_id 
_atom_site.label_alt_id 
_atom_site.label_comp_id 
_atom_site.label_asym_id 
_atom_site.label_entity_id 
_atom_site.label_seq_id 
_atom_site.pdbx_PDB_ins_code 
_atom_site.Cartn_x 
_atom_site.Cartn_y 
_atom_site.Cartn_z 
_atom_site.occupancy 
_atom_site.B_iso_or_equiv 
_atom_site.pdbx_formal_charge 
_atom_site.auth_seq_id 
_atom_site.auth_comp_id 
_atom_site.auth_asym_id 
_atom_site.auth_atom_id 
_atom_site.pdbx_PDB_model_num 
ATOM   1   N N   . CYS A 1 1  ? -11.014 -0.159  8.470   1.00 36.76 ? 1   CYS A N   1 
ATOM   2   C CA  . CYS A 1 1  ? -10.124 -0.988  9.297   1.00 36.19 ? 1   CYS A CA  1 
ATOM   3   C C   . CYS A 1 1  ? -9.929  -2.373  8.648   1.00 35.26 ? 1   CYS A C   1 
ATOM   4   O O   . CYS A 1 1  ? -10.752 -2.817  7.845   1.00 34.83 ? 1   CYS A O   1 
ATOM   5   C CB  . CYS A 1 1  ? -10.596 -1.143  10.730  1.00 39.02 ? 1   CYS A CB  1 
ATOM   6   S SG  . CYS A 1 1  ? -12.087 -2.192  10.965  1.00 40.41 ? 1   CYS A SG  1 
ATOM   7   N N   . TYR A 1 2  ? -8.852  -2.980  9.108   1.00 34.13 ? 2   TYR A N   1 
ATOM   8   C CA  . TYR A 1 2  ? -8.312  -4.278  8.740   1.00 32.70 ? 2   TYR A CA  1 
ATOM   9   C C   . TYR A 1 2  ? -8.191  -5.238  9.923   1.00 32.72 ? 2   TYR A C   1 
ATOM   10  O O   . TYR A 1 2  ? -8.197  -4.844  11.106  1.00 31.81 ? 2   TYR A O   1 
ATOM   11  C CB  . TYR A 1 2  ? -6.914  -4.043  8.081   1.00 30.44 ? 2   TYR A CB  1 
ATOM   12  C CG  . TYR A 1 2  ? -5.847  -3.605  9.056   1.00 28.93 ? 2   TYR A CG  1 
ATOM   13  C CD1 . TYR A 1 2  ? -5.693  -2.238  9.319   1.00 29.77 ? 2   TYR A CD1 1 
ATOM   14  C CD2 . TYR A 1 2  ? -5.028  -4.490  9.737   1.00 26.09 ? 2   TYR A CD2 1 
ATOM   15  C CE1 . TYR A 1 2  ? -4.753  -1.768  10.245  1.00 30.18 ? 2   TYR A CE1 1 
ATOM   16  C CE2 . TYR A 1 2  ? -4.050  -4.048  10.627  1.00 28.38 ? 2   TYR A CE2 1 
ATOM   17  C CZ  . TYR A 1 2  ? -3.901  -2.668  10.875  1.00 30.29 ? 2   TYR A CZ  1 
ATOM   18  O OH  . TYR A 1 2  ? -2.995  -2.156  11.776  1.00 26.05 ? 2   TYR A OH  1 
ATOM   19  N N   . HIS A 1 3  ? -8.052  -6.534  9.613   1.00 32.73 ? 3   HIS A N   1 
ATOM   20  C CA  . HIS A 1 3  ? -7.856  -7.568  10.660  1.00 31.79 ? 3   HIS A CA  1 
ATOM   21  C C   . HIS A 1 3  ? -6.411  -8.081  10.579  1.00 31.21 ? 3   HIS A C   1 
ATOM   22  O O   . HIS A 1 3  ? -5.703  -7.784  9.611   1.00 31.09 ? 3   HIS A O   1 
ATOM   23  C CB  . HIS A 1 3  ? -8.801  -8.768  10.536  1.00 31.65 ? 3   HIS A CB  1 
ATOM   24  C CG  . HIS A 1 3  ? -10.236 -8.378  10.393  1.00 31.86 ? 3   HIS A CG  1 
ATOM   25  N ND1 . HIS A 1 3  ? -11.105 -8.309  11.465  1.00 33.33 ? 3   HIS A ND1 1 
ATOM   26  C CD2 . HIS A 1 3  ? -10.925 -7.952  9.319   1.00 32.59 ? 3   HIS A CD2 1 
ATOM   27  C CE1 . HIS A 1 3  ? -12.296 -7.924  11.014  1.00 32.16 ? 3   HIS A CE1 1 
ATOM   28  N NE2 . HIS A 1 3  ? -12.213 -7.659  9.742   1.00 31.53 ? 3   HIS A NE2 1 
ATOM   29  N N   . GLY A 1 4  ? -6.033  -8.877  11.550  1.00 30.46 ? 4   GLY A N   1 
ATOM   30  C CA  . GLY A 1 4  ? -4.669  -9.433  11.655  1.00 30.08 ? 4   GLY A CA  1 
ATOM   31  C C   . GLY A 1 4  ? -3.683  -8.327  11.273  1.00 30.10 ? 4   GLY A C   1 
ATOM   32  O O   . GLY A 1 4  ? -3.914  -7.175  11.680  1.00 30.51 ? 4   GLY A O   1 
ATOM   33  N N   . ASN A 1 5  ? -2.713  -8.690  10.445  1.00 29.01 ? 5   ASN A N   1 
ATOM   34  C CA  . ASN A 1 5  ? -1.703  -7.781  9.878   1.00 26.57 ? 5   ASN A CA  1 
ATOM   35  C C   . ASN A 1 5  ? -2.169  -7.184  8.545   1.00 25.19 ? 5   ASN A C   1 
ATOM   36  O O   . ASN A 1 5  ? -1.405  -6.700  7.682   1.00 23.25 ? 5   ASN A O   1 
ATOM   37  C CB  . ASN A 1 5  ? -0.361  -8.512  9.769   1.00 30.59 ? 5   ASN A CB  1 
ATOM   38  C CG  . ASN A 1 5  ? -0.479  -9.866  9.061   1.00 30.23 ? 5   ASN A CG  1 
ATOM   39  O OD1 . ASN A 1 5  ? 0.469   -10.672 9.068   1.00 30.29 ? 5   ASN A OD1 1 
ATOM   40  N ND2 . ASN A 1 5  ? -1.673  -10.131 8.508   1.00 32.14 ? 5   ASN A ND2 1 
ATOM   41  N N   . GLY A 1 6  ? -3.476  -7.232  8.367   1.00 23.88 ? 6   GLY A N   1 
ATOM   42  C CA  . GLY A 1 6  ? -4.124  -6.685  7.178   1.00 25.08 ? 6   GLY A CA  1 
ATOM   43  C C   . GLY A 1 6  ? -3.521  -7.300  5.926   1.00 26.39 ? 6   GLY A C   1 
ATOM   44  O O   . GLY A 1 6  ? -3.323  -6.590  4.917   1.00 27.58 ? 6   GLY A O   1 
ATOM   45  N N   . GLN A 1 7  ? -3.339  -8.629  6.016   1.00 27.37 ? 7   GLN A N   1 
ATOM   46  C CA  . GLN A 1 7  ? -2.785  -9.354  4.838   1.00 27.92 ? 7   GLN A CA  1 
ATOM   47  C C   . GLN A 1 7  ? -3.887  -9.507  3.799   1.00 27.88 ? 7   GLN A C   1 
ATOM   48  O O   . GLN A 1 7  ? -3.603  -9.309  2.606   1.00 28.39 ? 7   GLN A O   1 
ATOM   49  C CB  . GLN A 1 7  ? -2.092  -10.658 5.146   1.00 26.87 ? 7   GLN A CB  1 
ATOM   50  C CG  . GLN A 1 7  ? -0.623  -10.411 5.453   1.00 26.90 ? 7   GLN A CG  1 
ATOM   51  C CD  . GLN A 1 7  ? 0.267   -11.419 4.764   1.00 30.53 ? 7   GLN A CD  1 
ATOM   52  O OE1 . GLN A 1 7  ? 0.511   -11.331 3.561   1.00 28.88 ? 7   GLN A OE1 1 
ATOM   53  N NE2 . GLN A 1 7  ? 0.771   -12.355 5.574   1.00 31.01 ? 7   GLN A NE2 1 
ATOM   54  N N   . SER A 1 8  ? -5.078  -9.627  4.332   1.00 29.21 ? 8   SER A N   1 
ATOM   55  C CA  . SER A 1 8  ? -6.355  -9.824  3.651   1.00 29.60 ? 8   SER A CA  1 
ATOM   56  C C   . SER A 1 8  ? -7.015  -8.535  3.169   1.00 29.26 ? 8   SER A C   1 
ATOM   57  O O   . SER A 1 8  ? -8.022  -8.554  2.410   1.00 28.65 ? 8   SER A O   1 
ATOM   58  C CB  . SER A 1 8  ? -7.369  -10.527 4.580   1.00 30.43 ? 8   SER A CB  1 
ATOM   59  O OG  . SER A 1 8  ? -6.641  -11.307 5.531   1.00 36.19 ? 8   SER A OG  1 
ATOM   60  N N   . TYR A 1 9  ? -6.438  -7.444  3.655   1.00 27.55 ? 9   TYR A N   1 
ATOM   61  C CA  . TYR A 1 9  ? -6.969  -6.142  3.260   1.00 26.77 ? 9   TYR A CA  1 
ATOM   62  C C   . TYR A 1 9  ? -6.927  -5.983  1.728   1.00 26.37 ? 9   TYR A C   1 
ATOM   63  O O   . TYR A 1 9  ? -5.848  -5.921  1.120   1.00 28.40 ? 9   TYR A O   1 
ATOM   64  C CB  . TYR A 1 9  ? -6.238  -4.966  3.938   1.00 23.15 ? 9   TYR A CB  1 
ATOM   65  C CG  . TYR A 1 9  ? -7.016  -3.691  3.649   1.00 19.93 ? 9   TYR A CG  1 
ATOM   66  C CD1 . TYR A 1 9  ? -8.230  -3.466  4.292   1.00 17.06 ? 9   TYR A CD1 1 
ATOM   67  C CD2 . TYR A 1 9  ? -6.573  -2.773  2.696   1.00 17.74 ? 9   TYR A CD2 1 
ATOM   68  C CE1 . TYR A 1 9  ? -8.909  -2.248  4.137   1.00 16.74 ? 9   TYR A CE1 1 
ATOM   69  C CE2 . TYR A 1 9  ? -7.246  -1.557  2.546   1.00 16.76 ? 9   TYR A CE2 1 
ATOM   70  C CZ  . TYR A 1 9  ? -8.392  -1.279  3.275   1.00 15.87 ? 9   TYR A CZ  1 
ATOM   71  O OH  . TYR A 1 9  ? -9.111  -0.156  2.985   1.00 11.73 ? 9   TYR A OH  1 
ATOM   72  N N   . ARG A 1 10 ? -8.125  -5.775  1.241   1.00 25.24 ? 10  ARG A N   1 
ATOM   73  C CA  . ARG A 1 10 ? -8.443  -5.584  -0.160  1.00 25.00 ? 10  ARG A CA  1 
ATOM   74  C C   . ARG A 1 10 ? -9.494  -4.501  -0.325  1.00 24.33 ? 10  ARG A C   1 
ATOM   75  O O   . ARG A 1 10 ? -10.400 -4.544  -1.163  1.00 23.71 ? 10  ARG A O   1 
ATOM   76  C CB  . ARG A 1 10 ? -8.914  -6.946  -0.743  1.00 27.70 ? 10  ARG A CB  1 
ATOM   77  C CG  . ARG A 1 10 ? -8.260  -7.278  -2.074  1.00 28.35 ? 10  ARG A CG  1 
ATOM   78  C CD  . ARG A 1 10 ? -7.162  -8.252  -2.074  1.00 28.59 ? 10  ARG A CD  1 
ATOM   79  N NE  . ARG A 1 10 ? -6.231  -8.203  -0.974  1.00 28.72 ? 10  ARG A NE  1 
ATOM   80  C CZ  . ARG A 1 10 ? -5.397  -9.209  -0.687  1.00 30.13 ? 10  ARG A CZ  1 
ATOM   81  N NH1 . ARG A 1 10 ? -5.362  -10.382 -1.327  1.00 29.46 ? 10  ARG A NH1 1 
ATOM   82  N NH2 . ARG A 1 10 ? -4.598  -9.041  0.385   1.00 32.50 ? 10  ARG A NH2 1 
ATOM   83  N N   . GLY A 1 11 ? -9.328  -3.458  0.496   1.00 24.27 ? 11  GLY A N   1 
ATOM   84  C CA  . GLY A 1 11 ? -10.145 -2.258  0.559   1.00 22.76 ? 11  GLY A CA  1 
ATOM   85  C C   . GLY A 1 11 ? -9.600  -1.179  -0.377  1.00 22.65 ? 11  GLY A C   1 
ATOM   86  O O   . GLY A 1 11 ? -8.462  -1.243  -0.851  1.00 22.87 ? 11  GLY A O   1 
ATOM   87  N N   . THR A 1 12 ? -10.426 -0.160  -0.586  1.00 22.86 ? 12  THR A N   1 
ATOM   88  C CA  . THR A 1 12 ? -10.119 0.961   -1.468  1.00 21.90 ? 12  THR A CA  1 
ATOM   89  C C   . THR A 1 12 ? -9.623  2.217   -0.742  1.00 21.00 ? 12  THR A C   1 
ATOM   90  O O   . THR A 1 12 ? -9.792  3.352   -1.260  1.00 21.65 ? 12  THR A O   1 
ATOM   91  C CB  . THR A 1 12 ? -11.308 1.350   -2.444  1.00 19.35 ? 12  THR A CB  1 
ATOM   92  O OG1 . THR A 1 12 ? -12.287 2.027   -1.600  1.00 18.04 ? 12  THR A OG1 1 
ATOM   93  C CG2 . THR A 1 12 ? -11.895 0.205   -3.261  1.00 18.12 ? 12  THR A CG2 1 
ATOM   94  N N   . PHE A 1 13 ? -8.993  2.041   0.390   1.00 20.05 ? 13  PHE A N   1 
ATOM   95  C CA  . PHE A 1 13 ? -8.407  3.246   1.083   1.00 18.50 ? 13  PHE A CA  1 
ATOM   96  C C   . PHE A 1 13 ? -6.935  3.325   0.646   1.00 17.51 ? 13  PHE A C   1 
ATOM   97  O O   . PHE A 1 13 ? -6.183  2.346   0.666   1.00 16.42 ? 13  PHE A O   1 
ATOM   98  C CB  . PHE A 1 13 ? -8.649  3.194   2.558   1.00 18.18 ? 13  PHE A CB  1 
ATOM   99  C CG  . PHE A 1 13 ? -8.257  4.365   3.389   1.00 17.92 ? 13  PHE A CG  1 
ATOM   100 C CD1 . PHE A 1 13 ? -6.936  4.597   3.714   1.00 19.05 ? 13  PHE A CD1 1 
ATOM   101 C CD2 . PHE A 1 13 ? -9.255  5.254   3.855   1.00 20.81 ? 13  PHE A CD2 1 
ATOM   102 C CE1 . PHE A 1 13 ? -6.557  5.715   4.488   1.00 20.69 ? 13  PHE A CE1 1 
ATOM   103 C CE2 . PHE A 1 13 ? -8.906  6.329   4.664   1.00 17.00 ? 13  PHE A CE2 1 
ATOM   104 C CZ  . PHE A 1 13 ? -7.561  6.574   4.964   1.00 18.52 ? 13  PHE A CZ  1 
ATOM   105 N N   . SER A 1 14 ? -6.545  4.535   0.262   1.00 17.34 ? 14  SER A N   1 
ATOM   106 C CA  . SER A 1 14 ? -5.231  4.893   -0.204  1.00 17.17 ? 14  SER A CA  1 
ATOM   107 C C   . SER A 1 14 ? -4.659  6.194   0.375   1.00 16.10 ? 14  SER A C   1 
ATOM   108 O O   . SER A 1 14 ? -4.013  6.867   -0.459  1.00 15.84 ? 14  SER A O   1 
ATOM   109 C CB  . SER A 1 14 ? -5.248  5.070   -1.744  1.00 14.69 ? 14  SER A CB  1 
ATOM   110 O OG  . SER A 1 14 ? -6.481  5.742   -2.000  1.00 17.67 ? 14  SER A OG  1 
ATOM   111 N N   . THR A 1 15 ? -4.836  6.503   1.637   1.00 16.87 ? 15  THR A N   1 
ATOM   112 C CA  . THR A 1 15 ? -4.175  7.721   2.214   1.00 17.09 ? 15  THR A CA  1 
ATOM   113 C C   . THR A 1 15 ? -3.215  7.304   3.318   1.00 16.31 ? 15  THR A C   1 
ATOM   114 O O   . THR A 1 15 ? -3.535  6.430   4.123   1.00 15.91 ? 15  THR A O   1 
ATOM   115 C CB  . THR A 1 15 ? -5.153  8.807   2.755   1.00 19.50 ? 15  THR A CB  1 
ATOM   116 O OG1 . THR A 1 15 ? -6.224  8.981   1.795   1.00 17.46 ? 15  THR A OG1 1 
ATOM   117 C CG2 . THR A 1 15 ? -4.474  10.138  3.144   1.00 18.44 ? 15  THR A CG2 1 
ATOM   118 N N   . THR A 1 16 ? -1.994  7.821   3.212   1.00 18.88 ? 16  THR A N   1 
ATOM   119 C CA  . THR A 1 16 ? -0.967  7.412   4.187   1.00 19.38 ? 16  THR A CA  1 
ATOM   120 C C   . THR A 1 16 ? -1.418  7.956   5.543   1.00 19.81 ? 16  THR A C   1 
ATOM   121 O O   . THR A 1 16 ? -2.517  8.528   5.643   1.00 19.82 ? 16  THR A O   1 
ATOM   122 C CB  . THR A 1 16 ? 0.510   7.725   3.822   1.00 19.85 ? 16  THR A CB  1 
ATOM   123 O OG1 . THR A 1 16 ? 0.744   9.144   4.111   1.00 21.99 ? 16  THR A OG1 1 
ATOM   124 C CG2 . THR A 1 16 ? 0.894   7.304   2.403   1.00 18.14 ? 16  THR A CG2 1 
ATOM   125 N N   . VAL A 1 17 ? -0.592  7.632   6.519   1.00 19.58 ? 17  VAL A N   1 
ATOM   126 C CA  . VAL A 1 17 ? -0.869  8.049   7.919   1.00 19.60 ? 17  VAL A CA  1 
ATOM   127 C C   . VAL A 1 17 ? -0.807  9.568   8.066   1.00 20.32 ? 17  VAL A C   1 
ATOM   128 O O   . VAL A 1 17 ? -1.790  10.222  8.559   1.00 21.28 ? 17  VAL A O   1 
ATOM   129 C CB  . VAL A 1 17 ? -0.080  7.092   8.819   1.00 18.93 ? 17  VAL A CB  1 
ATOM   130 C CG1 . VAL A 1 17 ? 1.395   7.362   9.048   1.00 16.87 ? 17  VAL A CG1 1 
ATOM   131 C CG2 . VAL A 1 17 ? -0.864  6.835   10.095  1.00 17.82 ? 17  VAL A CG2 1 
ATOM   132 N N   . THR A 1 18 ? 0.194   10.170  7.488   1.00 19.12 ? 18  THR A N   1 
ATOM   133 C CA  . THR A 1 18 ? 0.497   11.597  7.394   1.00 17.17 ? 18  THR A CA  1 
ATOM   134 C C   . THR A 1 18 ? -0.338  12.363  6.387   1.00 15.74 ? 18  THR A C   1 
ATOM   135 O O   . THR A 1 18 ? -0.006  13.481  5.953   1.00 13.94 ? 18  THR A O   1 
ATOM   136 C CB  . THR A 1 18 ? 2.033   11.651  6.989   1.00 17.24 ? 18  THR A CB  1 
ATOM   137 O OG1 . THR A 1 18 ? 2.724   11.684  8.305   1.00 21.79 ? 18  THR A OG1 1 
ATOM   138 C CG2 . THR A 1 18 ? 2.400   12.746  6.033   1.00 19.96 ? 18  THR A CG2 1 
ATOM   139 N N   . GLY A 1 19 ? -1.457  11.760  5.970   1.00 14.75 ? 19  GLY A N   1 
ATOM   140 C CA  . GLY A 1 19 ? -2.360  12.357  4.963   1.00 12.11 ? 19  GLY A CA  1 
ATOM   141 C C   . GLY A 1 19 ? -1.802  12.379  3.553   1.00 11.18 ? 19  GLY A C   1 
ATOM   142 O O   . GLY A 1 19 ? -2.395  13.031  2.654   1.00 7.48  ? 19  GLY A O   1 
ATOM   143 N N   . ARG A 1 20 ? -0.685  11.685  3.332   1.00 13.29 ? 20  ARG A N   1 
ATOM   144 C CA  . ARG A 1 20 ? -0.067  11.613  1.976   1.00 15.27 ? 20  ARG A CA  1 
ATOM   145 C C   . ARG A 1 20 ? -0.787  10.589  1.091   1.00 14.75 ? 20  ARG A C   1 
ATOM   146 O O   . ARG A 1 20 ? -1.598  9.753   1.559   1.00 13.47 ? 20  ARG A O   1 
ATOM   147 C CB  . ARG A 1 20 ? 1.452   11.428  2.097   1.00 18.61 ? 20  ARG A CB  1 
ATOM   148 C CG  . ARG A 1 20 ? 2.265   12.672  1.711   1.00 21.25 ? 20  ARG A CG  1 
ATOM   149 C CD  . ARG A 1 20 ? 3.773   12.443  1.769   1.00 24.60 ? 20  ARG A CD  1 
ATOM   150 N NE  . ARG A 1 20 ? 4.162   12.195  3.140   1.00 27.50 ? 20  ARG A NE  1 
ATOM   151 C CZ  . ARG A 1 20 ? 4.660   13.032  4.051   1.00 26.98 ? 20  ARG A CZ  1 
ATOM   152 N NH1 . ARG A 1 20 ? 5.103   14.240  3.768   1.00 28.02 ? 20  ARG A NH1 1 
ATOM   153 N NH2 . ARG A 1 20 ? 4.339   12.781  5.331   1.00 24.75 ? 20  ARG A NH2 1 
ATOM   154 N N   . THR A 1 21 ? -0.720  10.782  -0.231  1.00 15.58 ? 21  THR A N   1 
ATOM   155 C CA  . THR A 1 21 ? -1.386  9.879   -1.181  1.00 17.12 ? 21  THR A CA  1 
ATOM   156 C C   . THR A 1 21 ? -0.487  8.727   -1.652  1.00 15.10 ? 21  THR A C   1 
ATOM   157 O O   . THR A 1 21 ? 0.707   8.906   -1.842  1.00 13.68 ? 21  THR A O   1 
ATOM   158 C CB  . THR A 1 21 ? -2.159  10.492  -2.402  1.00 19.29 ? 21  THR A CB  1 
ATOM   159 O OG1 . THR A 1 21 ? -3.259  11.290  -1.815  1.00 22.16 ? 21  THR A OG1 1 
ATOM   160 C CG2 . THR A 1 21 ? -2.844  9.364   -3.237  1.00 21.09 ? 21  THR A CG2 1 
ATOM   161 N N   . CYS A 1 22 ? -1.130  7.556   -1.649  1.00 15.03 ? 22  CYS A N   1 
ATOM   162 C CA  . CYS A 1 22 ? -0.574  6.282   -2.106  1.00 13.39 ? 22  CYS A CA  1 
ATOM   163 C C   . CYS A 1 22 ? -0.349  6.232   -3.636  1.00 12.37 ? 22  CYS A C   1 
ATOM   164 O O   . CYS A 1 22 ? -1.217  6.566   -4.469  1.00 9.67  ? 22  CYS A O   1 
ATOM   165 C CB  . CYS A 1 22 ? -1.549  5.144   -1.794  1.00 14.05 ? 22  CYS A CB  1 
ATOM   166 S SG  . CYS A 1 22 ? -1.528  4.499   -0.128  1.00 15.89 ? 22  CYS A SG  1 
ATOM   167 N N   . GLN A 1 23 ? 0.855   5.757   -3.918  1.00 12.34 ? 23  GLN A N   1 
ATOM   168 C CA  . GLN A 1 23 ? 1.295   5.578   -5.329  1.00 13.00 ? 23  GLN A CA  1 
ATOM   169 C C   . GLN A 1 23 ? 0.714   4.229   -5.804  1.00 13.78 ? 23  GLN A C   1 
ATOM   170 O O   . GLN A 1 23 ? 0.433   3.295   -5.018  1.00 13.10 ? 23  GLN A O   1 
ATOM   171 C CB  . GLN A 1 23 ? 2.767   5.735   -5.516  1.00 12.34 ? 23  GLN A CB  1 
ATOM   172 C CG  . GLN A 1 23 ? 3.410   5.401   -6.840  1.00 11.70 ? 23  GLN A CG  1 
ATOM   173 C CD  . GLN A 1 23 ? 4.871   5.123   -6.729  1.00 13.73 ? 23  GLN A CD  1 
ATOM   174 O OE1 . GLN A 1 23 ? 5.656   5.749   -5.998  1.00 14.72 ? 23  GLN A OE1 1 
ATOM   175 N NE2 . GLN A 1 23 ? 5.325   4.078   -7.444  1.00 17.70 ? 23  GLN A NE2 1 
ATOM   176 N N   . SER A 1 24 ? 0.441   4.252   -7.118  1.00 14.01 ? 24  SER A N   1 
ATOM   177 C CA  . SER A 1 24 ? -0.090  3.044   -7.808  1.00 12.09 ? 24  SER A CA  1 
ATOM   178 C C   . SER A 1 24 ? 1.043   2.048   -7.944  1.00 10.90 ? 24  SER A C   1 
ATOM   179 O O   . SER A 1 24 ? 2.177   2.402   -8.297  1.00 8.79  ? 24  SER A O   1 
ATOM   180 C CB  . SER A 1 24 ? -0.714  3.442   -9.111  1.00 13.96 ? 24  SER A CB  1 
ATOM   181 O OG  . SER A 1 24 ? -1.960  4.082   -8.843  1.00 16.86 ? 24  SER A OG  1 
ATOM   182 N N   . TRP A 1 25 ? 0.760   0.842   -7.473  1.00 11.92 ? 25  TRP A N   1 
ATOM   183 C CA  . TRP A 1 25 ? 1.767   -0.259  -7.429  1.00 12.73 ? 25  TRP A CA  1 
ATOM   184 C C   . TRP A 1 25 ? 2.433   -0.622  -8.758  1.00 14.67 ? 25  TRP A C   1 
ATOM   185 O O   . TRP A 1 25 ? 3.525   -1.271  -8.829  1.00 14.19 ? 25  TRP A O   1 
ATOM   186 C CB  . TRP A 1 25 ? 1.100   -1.466  -6.776  1.00 11.41 ? 25  TRP A CB  1 
ATOM   187 C CG  . TRP A 1 25 ? 0.451   -1.309  -5.457  1.00 10.33 ? 25  TRP A CG  1 
ATOM   188 C CD1 . TRP A 1 25 ? -0.889  -1.132  -5.219  1.00 5.92  ? 25  TRP A CD1 1 
ATOM   189 C CD2 . TRP A 1 25 ? 1.070   -1.483  -4.158  1.00 8.33  ? 25  TRP A CD2 1 
ATOM   190 N NE1 . TRP A 1 25 ? -1.138  -1.135  -3.872  1.00 7.60  ? 25  TRP A NE1 1 
ATOM   191 C CE2 . TRP A 1 25 ? 0.038   -1.402  -3.196  1.00 8.86  ? 25  TRP A CE2 1 
ATOM   192 C CE3 . TRP A 1 25 ? 2.365   -1.709  -3.745  1.00 7.68  ? 25  TRP A CE3 1 
ATOM   193 C CZ2 . TRP A 1 25 ? 0.260   -1.498  -1.837  1.00 6.99  ? 25  TRP A CZ2 1 
ATOM   194 C CZ3 . TRP A 1 25 ? 2.592   -1.824  -2.388  1.00 9.67  ? 25  TRP A CZ3 1 
ATOM   195 C CH2 . TRP A 1 25 ? 1.563   -1.753  -1.439  1.00 10.21 ? 25  TRP A CH2 1 
ATOM   196 N N   . SER A 1 26 ? 1.787   -0.288  -9.834  1.00 16.75 ? 26  SER A N   1 
ATOM   197 C CA  . SER A 1 26 ? 2.088   -0.435  -11.229 1.00 19.57 ? 26  SER A CA  1 
ATOM   198 C C   . SER A 1 26 ? 3.123   0.580   -11.674 1.00 19.57 ? 26  SER A C   1 
ATOM   199 O O   . SER A 1 26 ? 4.017   0.368   -12.492 1.00 20.95 ? 26  SER A O   1 
ATOM   200 C CB  . SER A 1 26 ? 0.824   -0.221  -12.088 1.00 24.63 ? 26  SER A CB  1 
ATOM   201 O OG  . SER A 1 26 ? 0.011   0.859   -11.608 1.00 30.53 ? 26  SER A OG  1 
ATOM   202 N N   . SER A 1 27 ? 2.924   1.793   -11.215 1.00 22.66 ? 27  SER A N   1 
ATOM   203 C CA  . SER A 1 27 ? 3.761   2.964   -11.465 1.00 21.45 ? 27  SER A CA  1 
ATOM   204 C C   . SER A 1 27 ? 5.067   2.803   -10.670 1.00 22.01 ? 27  SER A C   1 
ATOM   205 O O   . SER A 1 27 ? 5.129   2.330   -9.522  1.00 21.47 ? 27  SER A O   1 
ATOM   206 C CB  . SER A 1 27 ? 3.105   4.294   -11.078 1.00 24.22 ? 27  SER A CB  1 
ATOM   207 O OG  . SER A 1 27 ? 4.014   5.383   -11.319 1.00 23.85 ? 27  SER A OG  1 
ATOM   208 N N   . MET A 1 28 ? 6.072   3.285   -11.376 1.00 22.08 ? 28  MET A N   1 
ATOM   209 C CA  . MET A 1 28 ? 7.465   3.330   -10.941 1.00 21.38 ? 28  MET A CA  1 
ATOM   210 C C   . MET A 1 28 ? 7.820   4.758   -10.492 1.00 21.91 ? 28  MET A C   1 
ATOM   211 O O   . MET A 1 28 ? 9.010   5.032   -10.208 1.00 21.28 ? 28  MET A O   1 
ATOM   212 C CB  . MET A 1 28 ? 8.316   2.867   -12.119 1.00 20.80 ? 28  MET A CB  1 
ATOM   213 C CG  . MET A 1 28 ? 8.258   1.441   -12.465 1.00 17.90 ? 28  MET A CG  1 
ATOM   214 S SD  . MET A 1 28 ? 8.748   0.397   -11.072 1.00 20.60 ? 28  MET A SD  1 
ATOM   215 C CE  . MET A 1 28 ? 7.111   0.084   -10.376 1.00 18.66 ? 28  MET A CE  1 
ATOM   216 N N   . THR A 1 29 ? 6.818   5.621   -10.495 1.00 21.89 ? 29  THR A N   1 
ATOM   217 C CA  . THR A 1 29 ? 6.822   7.026   -10.171 1.00 22.69 ? 29  THR A CA  1 
ATOM   218 C C   . THR A 1 29 ? 5.936   7.387   -8.959  1.00 23.36 ? 29  THR A C   1 
ATOM   219 O O   . THR A 1 29 ? 4.695   7.196   -8.947  1.00 23.47 ? 29  THR A O   1 
ATOM   220 C CB  . THR A 1 29 ? 6.303   8.001   -11.328 1.00 22.32 ? 29  THR A CB  1 
ATOM   221 O OG1 . THR A 1 29 ? 6.764   7.589   -12.632 1.00 23.54 ? 29  THR A OG1 1 
ATOM   222 C CG2 . THR A 1 29 ? 6.681   9.488   -11.046 1.00 26.46 ? 29  THR A CG2 1 
ATOM   223 N N   . PRO A 1 30 ? 6.514   8.048   -7.977  1.00 23.95 ? 30  PRO A N   1 
ATOM   224 C CA  . PRO A 1 30 ? 7.907   8.441   -7.882  1.00 24.87 ? 30  PRO A CA  1 
ATOM   225 C C   . PRO A 1 30 ? 8.836   7.353   -7.387  1.00 24.93 ? 30  PRO A C   1 
ATOM   226 O O   . PRO A 1 30 ? 10.078  7.382   -7.612  1.00 26.12 ? 30  PRO A O   1 
ATOM   227 C CB  . PRO A 1 30 ? 7.853   9.661   -6.922  1.00 25.12 ? 30  PRO A CB  1 
ATOM   228 C CG  . PRO A 1 30 ? 6.707   9.357   -6.001  1.00 24.88 ? 30  PRO A CG  1 
ATOM   229 C CD  . PRO A 1 30 ? 5.702   8.578   -6.867  1.00 24.73 ? 30  PRO A CD  1 
ATOM   230 N N   . HIS A 1 31 ? 8.297   6.399   -6.645  1.00 24.57 ? 31  HIS A N   1 
ATOM   231 C CA  . HIS A 1 31 ? 9.191   5.337   -6.112  1.00 24.43 ? 31  HIS A CA  1 
ATOM   232 C C   . HIS A 1 31 ? 9.227   4.132   -7.024  1.00 24.00 ? 31  HIS A C   1 
ATOM   233 O O   . HIS A 1 31 ? 8.221   3.509   -7.409  1.00 21.98 ? 31  HIS A O   1 
ATOM   234 C CB  . HIS A 1 31 ? 8.859   5.015   -4.618  1.00 25.01 ? 31  HIS A CB  1 
ATOM   235 C CG  . HIS A 1 31 ? 8.799   6.354   -3.910  1.00 26.33 ? 31  HIS A CG  1 
ATOM   236 N ND1 . HIS A 1 31 ? 7.655   7.081   -3.709  1.00 27.56 ? 31  HIS A ND1 1 
ATOM   237 C CD2 . HIS A 1 31 ? 9.827   7.178   -3.580  1.00 25.38 ? 31  HIS A CD2 1 
ATOM   238 C CE1 . HIS A 1 31 ? 7.969   8.273   -3.217  1.00 24.93 ? 31  HIS A CE1 1 
ATOM   239 N NE2 . HIS A 1 31 ? 9.273   8.329   -3.108  1.00 26.23 ? 31  HIS A NE2 1 
ATOM   240 N N   . ARG A 1 32 ? 10.468  3.934   -7.492  1.00 24.16 ? 32  ARG A N   1 
ATOM   241 C CA  . ARG A 1 32 ? 10.762  2.801   -8.393  1.00 24.53 ? 32  ARG A CA  1 
ATOM   242 C C   . ARG A 1 32 ? 10.836  1.584   -7.473  1.00 24.04 ? 32  ARG A C   1 
ATOM   243 O O   . ARG A 1 32 ? 11.542  1.651   -6.452  1.00 24.88 ? 32  ARG A O   1 
ATOM   244 C CB  . ARG A 1 32 ? 11.998  3.010   -9.258  0.75 24.31 ? 32  ARG A CB  1 
ATOM   245 C CG  . ARG A 1 32 ? 11.772  2.535   -10.680 0.75 27.24 ? 32  ARG A CG  1 
ATOM   246 C CD  . ARG A 1 32 ? 12.589  3.127   -11.753 0.75 28.97 ? 32  ARG A CD  1 
ATOM   247 N NE  . ARG A 1 32 ? 11.951  3.051   -13.084 0.75 30.41 ? 32  ARG A NE  1 
ATOM   248 C CZ  . ARG A 1 32 ? 11.263  4.088   -13.602 0.75 31.08 ? 32  ARG A CZ  1 
ATOM   249 N NH1 . ARG A 1 32 ? 11.133  5.280   -13.021 0.75 30.92 ? 32  ARG A NH1 1 
ATOM   250 N NH2 . ARG A 1 32 ? 10.584  3.912   -14.749 0.75 32.79 ? 32  ARG A NH2 1 
ATOM   251 N N   . HIS A 1 33 ? 10.034  0.583   -7.782  1.00 22.41 ? 33  HIS A N   1 
ATOM   252 C CA  . HIS A 1 33 ? 9.933   -0.651  -7.002  1.00 20.72 ? 33  HIS A CA  1 
ATOM   253 C C   . HIS A 1 33 ? 9.565   -1.910  -7.811  1.00 20.57 ? 33  HIS A C   1 
ATOM   254 O O   . HIS A 1 33 ? 9.066   -1.835  -8.947  1.00 20.62 ? 33  HIS A O   1 
ATOM   255 C CB  . HIS A 1 33 ? 8.890   -0.445  -5.874  1.00 14.74 ? 33  HIS A CB  1 
ATOM   256 C CG  . HIS A 1 33 ? 7.500   -0.220  -6.410  1.00 14.81 ? 33  HIS A CG  1 
ATOM   257 N ND1 . HIS A 1 33 ? 7.146   0.720   -7.344  1.00 11.34 ? 33  HIS A ND1 1 
ATOM   258 C CD2 . HIS A 1 33 ? 6.355   -0.881  -6.049  1.00 10.91 ? 33  HIS A CD2 1 
ATOM   259 C CE1 . HIS A 1 33 ? 5.824   0.641   -7.545  1.00 12.48 ? 33  HIS A CE1 1 
ATOM   260 N NE2 . HIS A 1 33 ? 5.337   -0.289  -6.745  1.00 12.18 ? 33  HIS A NE2 1 
ATOM   261 N N   . GLN A 1 34 ? 9.649   -3.031  -7.106  1.00 21.50 ? 34  GLN A N   1 
ATOM   262 C CA  . GLN A 1 34 ? 9.364   -4.383  -7.602  1.00 22.17 ? 34  GLN A CA  1 
ATOM   263 C C   . GLN A 1 34 ? 8.153   -5.066  -7.015  1.00 21.67 ? 34  GLN A C   1 
ATOM   264 O O   . GLN A 1 34 ? 7.708   -6.151  -7.458  1.00 21.55 ? 34  GLN A O   1 
ATOM   265 C CB  . GLN A 1 34 ? 10.631  -5.246  -7.460  1.00 25.75 ? 34  GLN A CB  1 
ATOM   266 C CG  . GLN A 1 34 ? 11.679  -4.863  -8.491  1.00 30.44 ? 34  GLN A CG  1 
ATOM   267 C CD  . GLN A 1 34 ? 11.293  -4.673  -9.930  1.00 33.89 ? 34  GLN A CD  1 
ATOM   268 O OE1 . GLN A 1 34 ? 11.166  -5.567  -10.792 1.00 36.90 ? 34  GLN A OE1 1 
ATOM   269 N NE2 . GLN A 1 34 ? 11.256  -3.390  -10.353 1.00 36.25 ? 34  GLN A NE2 1 
ATOM   270 N N   . ARG A 1 35 ? 7.511   -4.424  -6.048  1.00 21.58 ? 35  ARG A N   1 
ATOM   271 C CA  . ARG A 1 35 ? 6.259   -4.931  -5.485  1.00 21.09 ? 35  ARG A CA  1 
ATOM   272 C C   . ARG A 1 35 ? 5.171   -4.533  -6.491  1.00 21.28 ? 35  ARG A C   1 
ATOM   273 O O   . ARG A 1 35 ? 4.381   -3.630  -6.150  1.00 19.67 ? 35  ARG A O   1 
ATOM   274 C CB  . ARG A 1 35 ? 5.894   -4.356  -4.126  0.75 21.09 ? 35  ARG A CB  1 
ATOM   275 C CG  . ARG A 1 35 ? 5.100   -5.345  -3.278  0.75 22.14 ? 35  ARG A CG  1 
ATOM   276 C CD  . ARG A 1 35 ? 6.072   -6.268  -2.617  0.75 24.91 ? 35  ARG A CD  1 
ATOM   277 N NE  . ARG A 1 35 ? 5.474   -7.561  -2.287  0.75 27.37 ? 35  ARG A NE  1 
ATOM   278 C CZ  . ARG A 1 35 ? 6.197   -8.456  -1.586  0.75 27.94 ? 35  ARG A CZ  1 
ATOM   279 N NH1 . ARG A 1 35 ? 7.418   -8.122  -1.165  0.75 28.97 ? 35  ARG A NH1 1 
ATOM   280 N NH2 . ARG A 1 35 ? 5.761   -9.712  -1.437  0.75 30.84 ? 35  ARG A NH2 1 
ATOM   281 N N   . THR A 1 36 ? 5.171   -5.237  -7.636  1.00 21.23 ? 37  THR A N   1 
ATOM   282 C CA  . THR A 1 36 ? 4.157   -4.878  -8.684  1.00 19.78 ? 37  THR A CA  1 
ATOM   283 C C   . THR A 1 36 ? 3.076   -5.938  -8.767  1.00 17.33 ? 37  THR A C   1 
ATOM   284 O O   . THR A 1 36 ? 3.265   -7.050  -8.247  1.00 15.35 ? 37  THR A O   1 
ATOM   285 C CB  . THR A 1 36 ? 4.866   -4.541  -10.056 1.00 20.91 ? 37  THR A CB  1 
ATOM   286 O OG1 . THR A 1 36 ? 5.841   -5.604  -10.319 1.00 23.10 ? 37  THR A OG1 1 
ATOM   287 C CG2 . THR A 1 36 ? 5.578   -3.190  -10.115 1.00 20.81 ? 37  THR A CG2 1 
ATOM   288 N N   . PRO A 1 37 ? 1.914   -5.542  -9.252  1.00 16.51 ? 38  PRO A N   1 
ATOM   289 C CA  . PRO A 1 37 ? 0.802   -6.502  -9.464  1.00 17.41 ? 38  PRO A CA  1 
ATOM   290 C C   . PRO A 1 37 ? 1.331   -7.577  -10.433 1.00 18.04 ? 38  PRO A C   1 
ATOM   291 O O   . PRO A 1 37 ? 0.928   -8.721  -10.337 1.00 17.16 ? 38  PRO A O   1 
ATOM   292 C CB  . PRO A 1 37 ? -0.294  -5.695  -10.136 1.00 16.57 ? 38  PRO A CB  1 
ATOM   293 C CG  . PRO A 1 37 ? 0.463   -4.620  -10.844 1.00 16.48 ? 38  PRO A CG  1 
ATOM   294 C CD  . PRO A 1 37 ? 1.575   -4.248  -9.833  1.00 16.27 ? 38  PRO A CD  1 
ATOM   295 N N   . GLU A 1 38 ? 2.269   -7.149  -11.263 1.00 20.74 ? 39  GLU A N   1 
ATOM   296 C CA  . GLU A 1 38 ? 2.980   -7.921  -12.252 1.00 24.34 ? 39  GLU A CA  1 
ATOM   297 C C   . GLU A 1 38 ? 3.970   -8.940  -11.680 1.00 24.35 ? 39  GLU A C   1 
ATOM   298 O O   . GLU A 1 38 ? 4.222   -9.951  -12.390 1.00 25.47 ? 39  GLU A O   1 
ATOM   299 C CB  . GLU A 1 38 ? 3.788   -7.144  -13.293 1.00 27.12 ? 39  GLU A CB  1 
ATOM   300 C CG  . GLU A 1 38 ? 3.073   -6.303  -14.316 1.00 35.73 ? 39  GLU A CG  1 
ATOM   301 C CD  . GLU A 1 38 ? 3.038   -4.800  -14.111 1.00 41.21 ? 39  GLU A CD  1 
ATOM   302 O OE1 . GLU A 1 38 ? 2.976   -4.223  -13.019 1.00 41.38 ? 39  GLU A OE1 1 
ATOM   303 O OE2 . GLU A 1 38 ? 3.076   -4.193  -15.231 1.00 42.61 ? 39  GLU A OE2 1 
ATOM   304 N N   . ASN A 1 39 ? 4.541   -8.691  -10.539 1.00 23.19 ? 40  ASN A N   1 
ATOM   305 C CA  . ASN A 1 39 ? 5.491   -9.596  -9.885  1.00 22.97 ? 40  ASN A CA  1 
ATOM   306 C C   . ASN A 1 39 ? 4.756   -10.466 -8.860  1.00 22.40 ? 40  ASN A C   1 
ATOM   307 O O   . ASN A 1 39 ? 5.271   -11.535 -8.502  1.00 22.00 ? 40  ASN A O   1 
ATOM   308 C CB  . ASN A 1 39 ? 6.671   -8.801  -9.295  1.00 24.26 ? 40  ASN A CB  1 
ATOM   309 C CG  . ASN A 1 39 ? 7.499   -8.148  -10.387 1.00 25.73 ? 40  ASN A CG  1 
ATOM   310 O OD1 . ASN A 1 39 ? 7.561   -8.678  -11.518 1.00 28.46 ? 40  ASN A OD1 1 
ATOM   311 N ND2 . ASN A 1 39 ? 8.144   -7.001  -10.165 1.00 24.61 ? 40  ASN A ND2 1 
ATOM   312 N N   . TYR A 1 40 ? 3.700   -9.934  -8.284  1.00 22.66 ? 41  TYR A N   1 
ATOM   313 C CA  . TYR A 1 40 ? 2.874   -10.522 -7.231  1.00 23.44 ? 41  TYR A CA  1 
ATOM   314 C C   . TYR A 1 40 ? 1.371   -10.415 -7.550  1.00 23.82 ? 41  TYR A C   1 
ATOM   315 O O   . TYR A 1 40 ? 0.650   -9.588  -6.986  1.00 22.85 ? 41  TYR A O   1 
ATOM   316 C CB  . TYR A 1 40 ? 3.187   -9.889  -5.858  1.00 25.26 ? 41  TYR A CB  1 
ATOM   317 C CG  . TYR A 1 40 ? 4.655   -9.837  -5.501  1.00 24.35 ? 41  TYR A CG  1 
ATOM   318 C CD1 . TYR A 1 40 ? 5.499   -8.970  -6.206  1.00 25.89 ? 41  TYR A CD1 1 
ATOM   319 C CD2 . TYR A 1 40 ? 5.232   -10.668 -4.536  1.00 25.21 ? 41  TYR A CD2 1 
ATOM   320 C CE1 . TYR A 1 40 ? 6.867   -8.942  -5.970  1.00 25.55 ? 41  TYR A CE1 1 
ATOM   321 C CE2 . TYR A 1 40 ? 6.599   -10.633 -4.259  1.00 24.43 ? 41  TYR A CE2 1 
ATOM   322 C CZ  . TYR A 1 40 ? 7.399   -9.766  -4.980  1.00 26.17 ? 41  TYR A CZ  1 
ATOM   323 O OH  . TYR A 1 40 ? 8.755   -9.695  -4.717  1.00 28.94 ? 41  TYR A OH  1 
ATOM   324 N N   . PRO A 1 41 ? 0.921   -11.333 -8.435  1.00 23.92 ? 42  PRO A N   1 
ATOM   325 C CA  . PRO A 1 41 ? -0.421  -11.384 -8.979  1.00 22.83 ? 42  PRO A CA  1 
ATOM   326 C C   . PRO A 1 41 ? -1.508  -11.761 -8.016  1.00 22.62 ? 42  PRO A C   1 
ATOM   327 O O   . PRO A 1 41 ? -2.685  -11.396 -8.258  1.00 22.71 ? 42  PRO A O   1 
ATOM   328 C CB  . PRO A 1 41 ? -0.367  -12.393 -10.129 1.00 24.36 ? 42  PRO A CB  1 
ATOM   329 C CG  . PRO A 1 41 ? 1.092   -12.474 -10.498 1.00 24.28 ? 42  PRO A CG  1 
ATOM   330 C CD  . PRO A 1 41 ? 1.844   -12.244 -9.191  1.00 23.87 ? 42  PRO A CD  1 
ATOM   331 N N   . ASN A 1 42 ? -1.146  -12.405 -6.923  1.00 22.25 ? 43  ASN A N   1 
ATOM   332 C CA  . ASN A 1 42 ? -2.243  -12.779 -5.961  1.00 23.08 ? 43  ASN A CA  1 
ATOM   333 C C   . ASN A 1 42 ? -2.200  -11.883 -4.740  1.00 23.85 ? 43  ASN A C   1 
ATOM   334 O O   . ASN A 1 42 ? -2.646  -12.301 -3.650  1.00 25.09 ? 43  ASN A O   1 
ATOM   335 C CB  . ASN A 1 42 ? -2.111  -14.294 -5.750  1.00 20.79 ? 43  ASN A CB  1 
ATOM   336 C CG  . ASN A 1 42 ? -1.788  -15.042 -7.056  1.00 19.53 ? 43  ASN A CG  1 
ATOM   337 O OD1 . ASN A 1 42 ? -2.430  -14.846 -8.083  1.00 13.06 ? 43  ASN A OD1 1 
ATOM   338 N ND2 . ASN A 1 42 ? -0.771  -15.916 -7.058  1.00 17.99 ? 43  ASN A ND2 1 
ATOM   339 N N   . ASP A 1 43 ? -1.726  -10.627 -4.861  1.00 25.34 ? 44  ASP A N   1 
ATOM   340 C CA  . ASP A 1 43 ? -1.644  -9.724  -3.683  1.00 23.41 ? 44  ASP A CA  1 
ATOM   341 C C   . ASP A 1 43 ? -2.655  -8.612  -3.541  1.00 22.50 ? 44  ASP A C   1 
ATOM   342 O O   . ASP A 1 43 ? -2.685  -7.970  -2.434  1.00 21.04 ? 44  ASP A O   1 
ATOM   343 C CB  . ASP A 1 43 ? -0.195  -9.228  -3.488  1.00 26.54 ? 44  ASP A CB  1 
ATOM   344 C CG  . ASP A 1 43 ? 0.756   -10.256 -2.909  1.00 26.26 ? 44  ASP A CG  1 
ATOM   345 O OD1 . ASP A 1 43 ? 0.470   -10.830 -1.838  1.00 26.86 ? 44  ASP A OD1 1 
ATOM   346 O OD2 . ASP A 1 43 ? 1.792   -10.563 -3.534  1.00 29.29 ? 44  ASP A OD2 1 
ATOM   347 N N   . GLY A 1 44 ? -3.473  -8.258  -4.526  1.00 20.99 ? 45  GLY A N   1 
ATOM   348 C CA  . GLY A 1 44 ? -4.444  -7.140  -4.347  1.00 17.98 ? 45  GLY A CA  1 
ATOM   349 C C   . GLY A 1 44 ? -3.936  -5.780  -4.800  1.00 16.03 ? 45  GLY A C   1 
ATOM   350 O O   . GLY A 1 44 ? -4.621  -4.741  -4.646  1.00 17.65 ? 45  GLY A O   1 
ATOM   351 N N   . LEU A 1 45 ? -2.762  -5.772  -5.356  1.00 15.33 ? 46  LEU A N   1 
ATOM   352 C CA  . LEU A 1 45 ? -1.957  -4.711  -5.895  1.00 14.63 ? 46  LEU A CA  1 
ATOM   353 C C   . LEU A 1 45 ? -2.695  -3.922  -6.956  1.00 15.25 ? 46  LEU A C   1 
ATOM   354 O O   . LEU A 1 45 ? -2.192  -3.504  -8.016  1.00 16.04 ? 46  LEU A O   1 
ATOM   355 C CB  . LEU A 1 45 ? -0.563  -5.309  -6.245  1.00 13.93 ? 46  LEU A CB  1 
ATOM   356 C CG  . LEU A 1 45 ? 0.495   -5.271  -5.184  1.00 11.97 ? 46  LEU A CG  1 
ATOM   357 C CD1 . LEU A 1 45 ? -0.029  -5.728  -3.823  1.00 14.98 ? 46  LEU A CD1 1 
ATOM   358 C CD2 . LEU A 1 45 ? 1.738   -6.091  -5.457  1.00 12.23 ? 46  LEU A CD2 1 
ATOM   359 N N   . THR A 1 46 ? -3.958  -3.659  -6.685  1.00 17.14 ? 47  THR A N   1 
ATOM   360 C CA  . THR A 1 46 ? -4.837  -2.872  -7.576  1.00 18.66 ? 47  THR A CA  1 
ATOM   361 C C   . THR A 1 46 ? -4.670  -1.369  -7.346  1.00 20.08 ? 47  THR A C   1 
ATOM   362 O O   . THR A 1 46 ? -4.693  -0.949  -6.187  1.00 21.34 ? 47  THR A O   1 
ATOM   363 C CB  . THR A 1 46 ? -6.332  -3.233  -7.206  1.00 17.70 ? 47  THR A CB  1 
ATOM   364 O OG1 . THR A 1 46 ? -6.430  -4.625  -7.594  1.00 18.93 ? 47  THR A OG1 1 
ATOM   365 C CG2 . THR A 1 46 ? -7.378  -2.339  -7.828  1.00 19.82 ? 47  THR A CG2 1 
ATOM   366 N N   . MET A 1 47 ? -4.583  -0.619  -8.398  1.00 21.23 ? 48  MET A N   1 
ATOM   367 C CA  . MET A 1 47 ? -4.428  0.834   -8.400  1.00 22.26 ? 48  MET A CA  1 
ATOM   368 C C   . MET A 1 47 ? -3.425  1.263   -7.321  1.00 22.57 ? 48  MET A C   1 
ATOM   369 O O   . MET A 1 47 ? -2.282  0.745   -7.304  1.00 21.72 ? 48  MET A O   1 
ATOM   370 C CB  . MET A 1 47 ? -5.814  1.471   -8.364  1.00 24.58 ? 48  MET A CB  1 
ATOM   371 C CG  . MET A 1 47 ? -6.667  1.076   -9.599  1.00 23.69 ? 48  MET A CG  1 
ATOM   372 S SD  . MET A 1 47 ? -8.363  1.493   -9.046  1.00 25.81 ? 48  MET A SD  1 
ATOM   373 C CE  . MET A 1 47 ? -9.108  2.243   -10.470 1.00 31.28 ? 48  MET A CE  1 
ATOM   374 N N   . ASN A 1 48 ? -3.800  2.219   -6.480  1.00 22.64 ? 49  ASN A N   1 
ATOM   375 C CA  . ASN A 1 48 ? -3.000  2.791   -5.405  1.00 21.01 ? 49  ASN A CA  1 
ATOM   376 C C   . ASN A 1 48 ? -3.494  2.315   -4.043  1.00 22.05 ? 49  ASN A C   1 
ATOM   377 O O   . ASN A 1 48 ? -2.996  2.813   -2.993  1.00 22.06 ? 49  ASN A O   1 
ATOM   378 C CB  . ASN A 1 48 ? -2.937  4.323   -5.464  1.00 21.45 ? 49  ASN A CB  1 
ATOM   379 C CG  . ASN A 1 48 ? -4.251  5.069   -5.606  1.00 19.76 ? 49  ASN A CG  1 
ATOM   380 O OD1 . ASN A 1 48 ? -4.397  6.255   -5.227  1.00 19.00 ? 49  ASN A OD1 1 
ATOM   381 N ND2 . ASN A 1 48 ? -5.201  4.442   -6.284  1.00 17.16 ? 49  ASN A ND2 1 
ATOM   382 N N   . TYR A 1 49 ? -4.495  1.456   -4.047  1.00 20.95 ? 50  TYR A N   1 
ATOM   383 C CA  . TYR A 1 49 ? -5.061  0.952   -2.792  1.00 20.94 ? 50  TYR A CA  1 
ATOM   384 C C   . TYR A 1 49 ? -3.985  0.521   -1.805  1.00 21.63 ? 50  TYR A C   1 
ATOM   385 O O   . TYR A 1 49 ? -2.910  -0.034  -2.158  1.00 22.88 ? 50  TYR A O   1 
ATOM   386 C CB  . TYR A 1 49 ? -5.995  -0.242  -3.137  1.00 23.67 ? 50  TYR A CB  1 
ATOM   387 C CG  . TYR A 1 49 ? -7.121  0.170   -4.057  1.00 24.76 ? 50  TYR A CG  1 
ATOM   388 C CD1 . TYR A 1 49 ? -7.468  1.518   -4.226  1.00 25.20 ? 50  TYR A CD1 1 
ATOM   389 C CD2 . TYR A 1 49 ? -7.952  -0.793  -4.624  1.00 25.33 ? 50  TYR A CD2 1 
ATOM   390 C CE1 . TYR A 1 49 ? -8.537  1.901   -5.047  1.00 26.19 ? 50  TYR A CE1 1 
ATOM   391 C CE2 . TYR A 1 49 ? -9.070  -0.440  -5.391  1.00 24.90 ? 50  TYR A CE2 1 
ATOM   392 C CZ  . TYR A 1 49 ? -9.336  0.903   -5.623  1.00 25.42 ? 50  TYR A CZ  1 
ATOM   393 O OH  . TYR A 1 49 ? -10.409 1.205   -6.394  1.00 25.77 ? 50  TYR A OH  1 
ATOM   394 N N   . CYS A 1 50 ? -4.348  0.571   -0.547  1.00 20.41 ? 51  CYS A N   1 
ATOM   395 C CA  . CYS A 1 50 ? -3.535  0.134   0.597   1.00 21.52 ? 51  CYS A CA  1 
ATOM   396 C C   . CYS A 1 50 ? -3.585  -1.405  0.684   1.00 21.13 ? 51  CYS A C   1 
ATOM   397 O O   . CYS A 1 50 ? -4.706  -1.946  0.793   1.00 20.37 ? 51  CYS A O   1 
ATOM   398 C CB  . CYS A 1 50 ? -4.085  0.748   1.899   1.00 22.64 ? 51  CYS A CB  1 
ATOM   399 S SG  . CYS A 1 50 ? -3.995  2.566   2.021   1.00 22.23 ? 51  CYS A SG  1 
ATOM   400 N N   . ARG A 1 51 ? -2.442  -2.039  0.786   1.00 21.90 ? 52  ARG A N   1 
ATOM   401 C CA  . ARG A 1 51 ? -2.207  -3.469  0.904   1.00 21.88 ? 52  ARG A CA  1 
ATOM   402 C C   . ARG A 1 51 ? -0.954  -3.723  1.768   1.00 21.69 ? 52  ARG A C   1 
ATOM   403 O O   . ARG A 1 51 ? -0.235  -2.822  2.187   1.00 22.56 ? 52  ARG A O   1 
ATOM   404 C CB  . ARG A 1 51 ? -2.057  -4.262  -0.393  1.00 23.44 ? 52  ARG A CB  1 
ATOM   405 C CG  . ARG A 1 51 ? -3.113  -4.305  -1.463  1.00 23.25 ? 52  ARG A CG  1 
ATOM   406 C CD  . ARG A 1 51 ? -4.520  -4.783  -1.027  1.00 24.39 ? 52  ARG A CD  1 
ATOM   407 N NE  . ARG A 1 51 ? -5.404  -4.259  -2.108  1.00 24.37 ? 52  ARG A NE  1 
ATOM   408 C CZ  . ARG A 1 51 ? -6.550  -3.612  -2.171  1.00 25.30 ? 52  ARG A CZ  1 
ATOM   409 N NH1 . ARG A 1 51 ? -7.264  -3.132  -1.174  1.00 24.03 ? 52  ARG A NH1 1 
ATOM   410 N NH2 . ARG A 1 51 ? -7.123  -3.517  -3.389  1.00 26.62 ? 52  ARG A NH2 1 
ATOM   411 N N   . ASN A 1 52 ? -0.823  -4.951  2.165   1.00 21.56 ? 53  ASN A N   1 
ATOM   412 C CA  . ASN A 1 52 ? 0.222   -5.533  2.991   1.00 21.44 ? 53  ASN A CA  1 
ATOM   413 C C   . ASN A 1 52 ? 0.720   -6.840  2.321   1.00 22.45 ? 53  ASN A C   1 
ATOM   414 O O   . ASN A 1 52 ? 0.486   -7.931  2.872   1.00 24.41 ? 53  ASN A O   1 
ATOM   415 C CB  . ASN A 1 52 ? -0.287  -5.862  4.418   1.00 16.18 ? 53  ASN A CB  1 
ATOM   416 C CG  . ASN A 1 52 ? 0.896   -6.441  5.193   1.00 14.49 ? 53  ASN A CG  1 
ATOM   417 O OD1 . ASN A 1 52 ? 2.023   -6.287  4.675   1.00 15.42 ? 53  ASN A OD1 1 
ATOM   418 N ND2 . ASN A 1 52 ? 0.710   -6.974  6.372   1.00 13.40 ? 53  ASN A ND2 1 
ATOM   419 N N   . PRO A 1 53 ? 1.239   -6.691  1.117   1.00 22.67 ? 54  PRO A N   1 
ATOM   420 C CA  . PRO A 1 53 ? 1.728   -7.800  0.317   1.00 22.27 ? 54  PRO A CA  1 
ATOM   421 C C   . PRO A 1 53 ? 2.923   -8.439  0.984   1.00 22.37 ? 54  PRO A C   1 
ATOM   422 O O   . PRO A 1 53 ? 3.446   -9.418  0.445   1.00 23.67 ? 54  PRO A O   1 
ATOM   423 C CB  . PRO A 1 53 ? 2.137   -7.153  -1.016  1.00 21.70 ? 54  PRO A CB  1 
ATOM   424 C CG  . PRO A 1 53 ? 2.545   -5.754  -0.583  1.00 21.92 ? 54  PRO A CG  1 
ATOM   425 C CD  . PRO A 1 53 ? 1.445   -5.403  0.409   1.00 23.04 ? 54  PRO A CD  1 
ATOM   426 N N   . ASP A 1 54 ? 3.356   -7.868  2.114   1.00 21.30 ? 55  ASP A N   1 
ATOM   427 C CA  . ASP A 1 54 ? 4.622   -8.321  2.705   1.00 18.63 ? 55  ASP A CA  1 
ATOM   428 C C   . ASP A 1 54 ? 4.674   -8.751  4.141   1.00 17.95 ? 55  ASP A C   1 
ATOM   429 O O   . ASP A 1 54 ? 5.801   -8.929  4.699   1.00 15.36 ? 55  ASP A O   1 
ATOM   430 C CB  . ASP A 1 54 ? 5.679   -7.231  2.326   1.00 19.62 ? 55  ASP A CB  1 
ATOM   431 C CG  . ASP A 1 54 ? 5.437   -5.969  3.151   1.00 16.74 ? 55  ASP A CG  1 
ATOM   432 O OD1 . ASP A 1 54 ? 4.292   -5.746  3.548   1.00 20.68 ? 55  ASP A OD1 1 
ATOM   433 O OD2 . ASP A 1 54 ? 6.410   -5.272  3.455   1.00 16.69 ? 55  ASP A OD2 1 
ATOM   434 N N   . ALA A 1 55 ? 3.576   -9.187  4.727   1.00 18.77 ? 56  ALA A N   1 
ATOM   435 C CA  . ALA A 1 55 ? 3.687   -9.616  6.133   1.00 21.67 ? 56  ALA A CA  1 
ATOM   436 C C   . ALA A 1 55 ? 4.145   -8.433  7.008   1.00 23.53 ? 56  ALA A C   1 
ATOM   437 O O   . ALA A 1 55 ? 4.811   -8.677  8.048   1.00 24.30 ? 56  ALA A O   1 
ATOM   438 C CB  . ALA A 1 55 ? 4.698   -10.752 6.233   1.00 21.43 ? 56  ALA A CB  1 
ATOM   439 N N   . ASP A 1 56 ? 3.760   -7.219  6.596   1.00 22.51 ? 57  ASP A N   1 
ATOM   440 C CA  . ASP A 1 56 ? 4.078   -6.052  7.442   1.00 20.41 ? 57  ASP A CA  1 
ATOM   441 C C   . ASP A 1 56 ? 3.058   -6.160  8.584   1.00 20.47 ? 57  ASP A C   1 
ATOM   442 O O   . ASP A 1 56 ? 2.407   -7.237  8.544   1.00 18.84 ? 57  ASP A O   1 
ATOM   443 C CB  . ASP A 1 56 ? 4.105   -4.748  6.657   1.00 21.30 ? 57  ASP A CB  1 
ATOM   444 C CG  . ASP A 1 56 ? 5.038   -3.775  7.412   1.00 21.90 ? 57  ASP A CG  1 
ATOM   445 O OD1 . ASP A 1 56 ? 5.133   -3.971  8.651   1.00 21.58 ? 57  ASP A OD1 1 
ATOM   446 O OD2 . ASP A 1 56 ? 5.698   -2.992  6.724   1.00 20.46 ? 57  ASP A OD2 1 
ATOM   447 N N   . THR A 1 57 ? 2.911   -5.149  9.447   1.00 18.22 ? 58  THR A N   1 
ATOM   448 C CA  . THR A 1 57 ? 1.989   -5.218  10.586  1.00 16.42 ? 58  THR A CA  1 
ATOM   449 C C   . THR A 1 57 ? 0.634   -4.538  10.408  1.00 16.04 ? 58  THR A C   1 
ATOM   450 O O   . THR A 1 57 ? -0.300  -4.651  11.266  1.00 14.57 ? 58  THR A O   1 
ATOM   451 C CB  . THR A 1 57 ? 2.710   -4.827  11.943  1.00 16.68 ? 58  THR A CB  1 
ATOM   452 O OG1 . THR A 1 57 ? 3.659   -3.776  11.683  1.00 14.81 ? 58  THR A OG1 1 
ATOM   453 C CG2 . THR A 1 57 ? 3.445   -5.967  12.699  1.00 15.51 ? 58  THR A CG2 1 
ATOM   454 N N   . GLY A 1 58 ? 0.435   -3.909  9.285   1.00 14.84 ? 60  GLY A N   1 
ATOM   455 C CA  . GLY A 1 58 ? -0.801  -3.261  8.822   1.00 15.11 ? 60  GLY A CA  1 
ATOM   456 C C   . GLY A 1 58 ? -0.613  -2.917  7.328   1.00 15.80 ? 60  GLY A C   1 
ATOM   457 O O   . GLY A 1 58 ? 0.540   -2.922  6.817   1.00 17.67 ? 60  GLY A O   1 
ATOM   458 N N   . PRO A 1 59 ? -1.685  -2.573  6.665   1.00 16.14 ? 61  PRO A N   1 
ATOM   459 C CA  . PRO A 1 59 ? -1.675  -2.158  5.257   1.00 17.34 ? 61  PRO A CA  1 
ATOM   460 C C   . PRO A 1 59 ? -0.895  -0.865  5.013   1.00 18.14 ? 61  PRO A C   1 
ATOM   461 O O   . PRO A 1 59 ? -1.323  0.197   5.566   1.00 19.70 ? 61  PRO A O   1 
ATOM   462 C CB  . PRO A 1 59 ? -3.176  -1.965  4.915   1.00 17.37 ? 61  PRO A CB  1 
ATOM   463 C CG  . PRO A 1 59 ? -3.946  -2.708  5.977   1.00 17.19 ? 61  PRO A CG  1 
ATOM   464 C CD  . PRO A 1 59 ? -3.059  -2.590  7.221   1.00 16.81 ? 61  PRO A CD  1 
ATOM   465 N N   . TRP A 1 60 ? 0.067   -0.852  4.104   1.00 17.61 ? 62  TRP A N   1 
ATOM   466 C CA  . TRP A 1 60 ? 0.936   0.323   3.816   1.00 17.42 ? 62  TRP A CA  1 
ATOM   467 C C   . TRP A 1 60 ? 0.929   0.694   2.347   1.00 16.61 ? 62  TRP A C   1 
ATOM   468 O O   . TRP A 1 60 ? 0.019   0.317   1.600   1.00 16.93 ? 62  TRP A O   1 
ATOM   469 C CB  . TRP A 1 60 ? 2.351   -0.007  4.349   1.00 17.39 ? 62  TRP A CB  1 
ATOM   470 C CG  . TRP A 1 60 ? 2.914   -1.248  3.758   1.00 16.72 ? 62  TRP A CG  1 
ATOM   471 C CD1 . TRP A 1 60 ? 2.756   -2.540  4.195   1.00 18.03 ? 62  TRP A CD1 1 
ATOM   472 C CD2 . TRP A 1 60 ? 3.705   -1.321  2.554   1.00 17.07 ? 62  TRP A CD2 1 
ATOM   473 N NE1 . TRP A 1 60 ? 3.374   -3.425  3.314   1.00 15.84 ? 62  TRP A NE1 1 
ATOM   474 C CE2 . TRP A 1 60 ? 3.933   -2.711  2.290   1.00 18.20 ? 62  TRP A CE2 1 
ATOM   475 C CE3 . TRP A 1 60 ? 4.137   -0.370  1.636   1.00 17.01 ? 62  TRP A CE3 1 
ATOM   476 C CZ2 . TRP A 1 60 ? 4.626   -3.141  1.162   1.00 14.89 ? 62  TRP A CZ2 1 
ATOM   477 C CZ3 . TRP A 1 60 ? 4.722   -0.812  0.458   1.00 17.38 ? 62  TRP A CZ3 1 
ATOM   478 C CH2 . TRP A 1 60 ? 4.999   -2.164  0.251   1.00 16.57 ? 62  TRP A CH2 1 
ATOM   479 N N   . CYS A 1 61 ? 1.904   1.392   1.811   1.00 16.53 ? 63  CYS A N   1 
ATOM   480 C CA  . CYS A 1 61 ? 1.949   1.771   0.384   1.00 16.62 ? 63  CYS A CA  1 
ATOM   481 C C   . CYS A 1 61 ? 3.170   2.653   0.104   1.00 17.59 ? 63  CYS A C   1 
ATOM   482 O O   . CYS A 1 61 ? 3.721   3.226   1.076   1.00 19.28 ? 63  CYS A O   1 
ATOM   483 C CB  . CYS A 1 61 ? 0.669   2.424   -0.125  1.00 16.40 ? 63  CYS A CB  1 
ATOM   484 S SG  . CYS A 1 61 ? 0.401   4.185   0.308   1.00 16.61 ? 63  CYS A SG  1 
ATOM   485 N N   . PHE A 1 62 ? 3.541   2.740   -1.163  1.00 15.88 ? 64  PHE A N   1 
ATOM   486 C CA  . PHE A 1 62 ? 4.565   3.685   -1.648  1.00 16.17 ? 64  PHE A CA  1 
ATOM   487 C C   . PHE A 1 62 ? 3.808   5.022   -1.795  1.00 17.27 ? 64  PHE A C   1 
ATOM   488 O O   . PHE A 1 62 ? 2.596   5.032   -2.120  1.00 18.23 ? 64  PHE A O   1 
ATOM   489 C CB  . PHE A 1 62 ? 5.299   3.283   -2.923  1.00 18.12 ? 64  PHE A CB  1 
ATOM   490 C CG  . PHE A 1 62 ? 5.887   1.885   -2.891  1.00 17.38 ? 64  PHE A CG  1 
ATOM   491 C CD1 . PHE A 1 62 ? 7.123   1.688   -2.267  1.00 18.57 ? 64  PHE A CD1 1 
ATOM   492 C CD2 . PHE A 1 62 ? 5.240   0.813   -3.490  1.00 17.93 ? 64  PHE A CD2 1 
ATOM   493 C CE1 . PHE A 1 62 ? 7.660   0.412   -2.112  1.00 18.50 ? 64  PHE A CE1 1 
ATOM   494 C CE2 . PHE A 1 62 ? 5.765   -0.501  -3.369  1.00 18.99 ? 64  PHE A CE2 1 
ATOM   495 C CZ  . PHE A 1 62 ? 6.988   -0.685  -2.689  1.00 18.89 ? 64  PHE A CZ  1 
ATOM   496 N N   . THR A 1 63 ? 4.457   6.093   -1.390  1.00 16.91 ? 65  THR A N   1 
ATOM   497 C CA  . THR A 1 63 ? 3.913   7.447   -1.334  1.00 16.41 ? 65  THR A CA  1 
ATOM   498 C C   . THR A 1 63 ? 4.127   8.239   -2.608  1.00 15.06 ? 65  THR A C   1 
ATOM   499 O O   . THR A 1 63 ? 5.236   8.159   -3.087  1.00 12.30 ? 65  THR A O   1 
ATOM   500 C CB  . THR A 1 63 ? 4.684   8.265   -0.181  1.00 16.93 ? 65  THR A CB  1 
ATOM   501 O OG1 . THR A 1 63 ? 4.142   7.727   1.072   1.00 19.24 ? 65  THR A OG1 1 
ATOM   502 C CG2 . THR A 1 63 ? 4.577   9.770   -0.311  1.00 17.69 ? 65  THR A CG2 1 
ATOM   503 N N   . MET A 1 64 ? 3.163   9.067   -2.967  1.00 17.00 ? 66  MET A N   1 
ATOM   504 C CA  . MET A 1 64 ? 3.355   9.979   -4.120  1.00 19.52 ? 66  MET A CA  1 
ATOM   505 C C   . MET A 1 64 ? 4.313   11.112  -3.740  1.00 20.41 ? 66  MET A C   1 
ATOM   506 O O   . MET A 1 64 ? 4.669   11.953  -4.592  1.00 20.42 ? 66  MET A O   1 
ATOM   507 C CB  . MET A 1 64 ? 2.055   10.490  -4.706  1.00 23.47 ? 66  MET A CB  1 
ATOM   508 C CG  . MET A 1 64 ? 1.319   9.329   -5.383  1.00 25.26 ? 66  MET A CG  1 
ATOM   509 S SD  . MET A 1 64 ? 2.141   8.980   -6.988  1.00 28.92 ? 66  MET A SD  1 
ATOM   510 C CE  . MET A 1 64 ? 1.091   9.973   -8.089  1.00 23.08 ? 66  MET A CE  1 
ATOM   511 N N   . ASP A 1 65 ? 4.832   11.023  -2.512  1.00 20.82 ? 67  ASP A N   1 
ATOM   512 C CA  . ASP A 1 65 ? 5.877   11.959  -2.052  1.00 20.20 ? 67  ASP A CA  1 
ATOM   513 C C   . ASP A 1 65 ? 7.263   11.368  -2.405  1.00 21.02 ? 67  ASP A C   1 
ATOM   514 O O   . ASP A 1 65 ? 7.801   10.406  -1.848  1.00 20.30 ? 67  ASP A O   1 
ATOM   515 C CB  . ASP A 1 65 ? 5.660   12.327  -0.621  1.00 18.96 ? 67  ASP A CB  1 
ATOM   516 C CG  . ASP A 1 65 ? 6.600   13.449  -0.145  1.00 22.11 ? 67  ASP A CG  1 
ATOM   517 O OD1 . ASP A 1 65 ? 7.672   13.670  -0.734  1.00 14.43 ? 67  ASP A OD1 1 
ATOM   518 O OD2 . ASP A 1 65 ? 6.158   14.043  0.899   1.00 20.49 ? 67  ASP A OD2 1 
ATOM   519 N N   . PRO A 1 66 ? 7.911   12.072  -3.311  1.00 21.27 ? 68  PRO A N   1 
ATOM   520 C CA  . PRO A 1 66 ? 9.238   11.706  -3.803  1.00 23.00 ? 68  PRO A CA  1 
ATOM   521 C C   . PRO A 1 66 ? 10.261  11.581  -2.679  1.00 23.31 ? 68  PRO A C   1 
ATOM   522 O O   . PRO A 1 66 ? 11.304  10.899  -2.744  1.00 23.88 ? 68  PRO A O   1 
ATOM   523 C CB  . PRO A 1 66 ? 9.579   12.817  -4.804  1.00 23.32 ? 68  PRO A CB  1 
ATOM   524 C CG  . PRO A 1 66 ? 8.246   13.402  -5.211  1.00 22.08 ? 68  PRO A CG  1 
ATOM   525 C CD  . PRO A 1 66 ? 7.401   13.306  -3.954  1.00 22.11 ? 68  PRO A CD  1 
ATOM   526 N N   . SER A 1 67 ? 9.929   12.295  -1.625  1.00 23.32 ? 69  SER A N   1 
ATOM   527 C CA  . SER A 1 67 ? 10.652  12.362  -0.366  1.00 21.67 ? 69  SER A CA  1 
ATOM   528 C C   . SER A 1 67 ? 10.302  11.200  0.549   1.00 20.85 ? 69  SER A C   1 
ATOM   529 O O   . SER A 1 67 ? 11.109  10.860  1.436   1.00 20.13 ? 69  SER A O   1 
ATOM   530 C CB  . SER A 1 67 ? 10.310  13.709  0.332   1.00 24.44 ? 69  SER A CB  1 
ATOM   531 O OG  . SER A 1 67 ? 11.184  14.744  -0.156  1.00 27.00 ? 69  SER A OG  1 
ATOM   532 N N   . ILE A 1 68 ? 9.054   10.671  0.464   1.00 19.88 ? 70  ILE A N   1 
ATOM   533 C CA  . ILE A 1 68 ? 8.665   9.559   1.343   1.00 17.02 ? 70  ILE A CA  1 
ATOM   534 C C   . ILE A 1 68 ? 8.443   8.270   0.526   1.00 16.56 ? 70  ILE A C   1 
ATOM   535 O O   . ILE A 1 68 ? 7.371   8.169   -0.069  1.00 16.13 ? 70  ILE A O   1 
ATOM   536 C CB  . ILE A 1 68 ? 7.378   9.821   2.193   1.00 15.74 ? 70  ILE A CB  1 
ATOM   537 C CG1 . ILE A 1 68 ? 7.503   11.220  2.878   1.00 17.76 ? 70  ILE A CG1 1 
ATOM   538 C CG2 . ILE A 1 68 ? 7.223   8.726   3.288   1.00 14.13 ? 70  ILE A CG2 1 
ATOM   539 C CD1 . ILE A 1 68 ? 8.762   11.177  3.815   1.00 18.86 ? 70  ILE A CD1 1 
ATOM   540 N N   . ARG A 1 69 ? 9.358   7.367   0.673   1.00 17.12 ? 71  ARG A N   1 
ATOM   541 C CA  . ARG A 1 69 ? 9.412   6.047   0.007   1.00 18.04 ? 71  ARG A CA  1 
ATOM   542 C C   . ARG A 1 69 ? 8.096   5.327   0.239   1.00 17.18 ? 71  ARG A C   1 
ATOM   543 O O   . ARG A 1 69 ? 7.367   5.220   -0.775  1.00 18.93 ? 71  ARG A O   1 
ATOM   544 C CB  . ARG A 1 69 ? 10.645  5.284   0.421   1.00 20.87 ? 71  ARG A CB  1 
ATOM   545 C CG  . ARG A 1 69 ? 10.886  3.856   0.077   1.00 22.62 ? 71  ARG A CG  1 
ATOM   546 C CD  . ARG A 1 69 ? 11.554  3.614   -1.234  1.00 26.10 ? 71  ARG A CD  1 
ATOM   547 N NE  . ARG A 1 69 ? 11.588  2.192   -1.506  1.00 29.25 ? 71  ARG A NE  1 
ATOM   548 C CZ  . ARG A 1 69 ? 11.560  1.518   -2.623  1.00 27.56 ? 71  ARG A CZ  1 
ATOM   549 N NH1 . ARG A 1 69 ? 11.495  2.043   -3.833  1.00 30.08 ? 71  ARG A NH1 1 
ATOM   550 N NH2 . ARG A 1 69 ? 11.543  0.173   -2.505  1.00 32.75 ? 71  ARG A NH2 1 
ATOM   551 N N   . TRP A 1 70 ? 7.751   5.046   1.470   1.00 15.28 ? 72  TRP A N   1 
ATOM   552 C CA  . TRP A 1 70 ? 6.427   4.450   1.779   1.00 16.33 ? 72  TRP A CA  1 
ATOM   553 C C   . TRP A 1 70 ? 6.003   4.799   3.198   1.00 16.64 ? 72  TRP A C   1 
ATOM   554 O O   . TRP A 1 70 ? 6.781   5.436   3.944   1.00 18.42 ? 72  TRP A O   1 
ATOM   555 C CB  . TRP A 1 70 ? 6.569   2.917   1.513   1.00 16.33 ? 72  TRP A CB  1 
ATOM   556 C CG  . TRP A 1 70 ? 7.501   2.375   2.572   1.00 13.29 ? 72  TRP A CG  1 
ATOM   557 C CD1 . TRP A 1 70 ? 8.856   2.446   2.725   1.00 14.33 ? 72  TRP A CD1 1 
ATOM   558 C CD2 . TRP A 1 70 ? 6.973   1.799   3.775   1.00 11.91 ? 72  TRP A CD2 1 
ATOM   559 N NE1 . TRP A 1 70 ? 9.243   1.874   3.948   1.00 13.62 ? 72  TRP A NE1 1 
ATOM   560 C CE2 . TRP A 1 70 ? 8.078   1.468   4.587   1.00 13.64 ? 72  TRP A CE2 1 
ATOM   561 C CE3 . TRP A 1 70 ? 5.654   1.500   4.167   1.00 10.15 ? 72  TRP A CE3 1 
ATOM   562 C CZ2 . TRP A 1 70 ? 7.893   0.903   5.853   1.00 10.60 ? 72  TRP A CZ2 1 
ATOM   563 C CZ3 . TRP A 1 70 ? 5.503   0.888   5.374   1.00 8.48  ? 72  TRP A CZ3 1 
ATOM   564 C CH2 . TRP A 1 70 ? 6.605   0.541   6.178   1.00 8.99  ? 72  TRP A CH2 1 
ATOM   565 N N   . GLU A 1 71 ? 4.814   4.459   3.615   1.00 17.19 ? 73  GLU A N   1 
ATOM   566 C CA  . GLU A 1 71 ? 4.226   4.645   4.930   1.00 18.51 ? 73  GLU A CA  1 
ATOM   567 C C   . GLU A 1 71 ? 2.964   3.781   5.132   1.00 18.95 ? 73  GLU A C   1 
ATOM   568 O O   . GLU A 1 71 ? 2.339   3.288   4.143   1.00 18.35 ? 73  GLU A O   1 
ATOM   569 C CB  . GLU A 1 71 ? 3.728   6.072   5.231   1.00 22.33 ? 73  GLU A CB  1 
ATOM   570 C CG  . GLU A 1 71 ? 4.264   7.353   4.664   1.00 22.67 ? 73  GLU A CG  1 
ATOM   571 C CD  . GLU A 1 71 ? 3.503   8.616   5.007   1.00 25.54 ? 73  GLU A CD  1 
ATOM   572 O OE1 . GLU A 1 71 ? 3.472   9.041   6.153   1.00 23.74 ? 73  GLU A OE1 1 
ATOM   573 O OE2 . GLU A 1 71 ? 2.856   9.150   4.073   1.00 22.87 ? 73  GLU A OE2 1 
ATOM   574 N N   . TYR A 1 72 ? 2.622   3.552   6.407   1.00 17.35 ? 74  TYR A N   1 
ATOM   575 C CA  . TYR A 1 72 ? 1.337   2.861   6.648   1.00 18.82 ? 74  TYR A CA  1 
ATOM   576 C C   . TYR A 1 72 ? 0.196   3.798   6.242   1.00 19.18 ? 74  TYR A C   1 
ATOM   577 O O   . TYR A 1 72 ? 0.395   4.985   5.974   1.00 19.26 ? 74  TYR A O   1 
ATOM   578 C CB  . TYR A 1 72 ? 1.112   2.372   8.065   1.00 19.97 ? 74  TYR A CB  1 
ATOM   579 C CG  . TYR A 1 72 ? 2.151   1.374   8.505   1.00 25.03 ? 74  TYR A CG  1 
ATOM   580 C CD1 . TYR A 1 72 ? 2.098   0.040   8.048   1.00 25.83 ? 74  TYR A CD1 1 
ATOM   581 C CD2 . TYR A 1 72 ? 3.214   1.794   9.299   1.00 25.73 ? 74  TYR A CD2 1 
ATOM   582 C CE1 . TYR A 1 72 ? 3.021   -0.890  8.512   1.00 26.74 ? 74  TYR A CE1 1 
ATOM   583 C CE2 . TYR A 1 72 ? 4.171   0.883   9.749   1.00 27.44 ? 74  TYR A CE2 1 
ATOM   584 C CZ  . TYR A 1 72 ? 4.056   -0.458  9.342   1.00 28.48 ? 74  TYR A CZ  1 
ATOM   585 O OH  . TYR A 1 72 ? 5.050   -1.311  9.751   1.00 27.86 ? 74  TYR A OH  1 
ATOM   586 N N   . CYS A 1 73 ? -0.972  3.182   6.137   1.00 20.80 ? 75  CYS A N   1 
ATOM   587 C CA  . CYS A 1 73 ? -2.195  3.883   5.745   1.00 21.47 ? 75  CYS A CA  1 
ATOM   588 C C   . CYS A 1 73 ? -2.989  4.143   7.038   1.00 22.60 ? 75  CYS A C   1 
ATOM   589 O O   . CYS A 1 73 ? -2.837  3.338   7.955   1.00 22.60 ? 75  CYS A O   1 
ATOM   590 C CB  . CYS A 1 73 ? -3.049  3.061   4.804   1.00 23.13 ? 75  CYS A CB  1 
ATOM   591 S SG  . CYS A 1 73 ? -2.328  2.725   3.189   1.00 22.23 ? 75  CYS A SG  1 
ATOM   592 N N   . ASN A 1 74 ? -3.785  5.173   6.964   1.00 23.14 ? 76  ASN A N   1 
ATOM   593 C CA  . ASN A 1 74 ? -4.661  5.694   7.995   1.00 23.90 ? 76  ASN A CA  1 
ATOM   594 C C   . ASN A 1 74 ? -5.876  4.804   8.289   1.00 24.28 ? 76  ASN A C   1 
ATOM   595 O O   . ASN A 1 74 ? -7.039  5.228   8.152   1.00 24.56 ? 76  ASN A O   1 
ATOM   596 C CB  . ASN A 1 74 ? -5.046  7.143   7.637   1.00 25.03 ? 76  ASN A CB  1 
ATOM   597 C CG  . ASN A 1 74 ? -5.494  7.865   8.916   1.00 26.02 ? 76  ASN A CG  1 
ATOM   598 O OD1 . ASN A 1 74 ? -4.650  7.931   9.815   1.00 24.34 ? 76  ASN A OD1 1 
ATOM   599 N ND2 . ASN A 1 74 ? -6.809  8.115   9.018   1.00 25.79 ? 76  ASN A ND2 1 
ATOM   600 N N   . LEU A 1 75 ? -5.548  3.618   8.761   1.00 24.55 ? 77  LEU A N   1 
ATOM   601 C CA  . LEU A 1 75 ? -6.460  2.548   9.120   1.00 26.17 ? 77  LEU A CA  1 
ATOM   602 C C   . LEU A 1 75 ? -6.292  2.027   10.556  1.00 25.76 ? 77  LEU A C   1 
ATOM   603 O O   . LEU A 1 75 ? -5.336  2.269   11.298  1.00 25.84 ? 77  LEU A O   1 
ATOM   604 C CB  . LEU A 1 75 ? -6.311  1.376   8.097   1.00 24.83 ? 77  LEU A CB  1 
ATOM   605 C CG  . LEU A 1 75 ? -6.421  1.696   6.634   1.00 21.44 ? 77  LEU A CG  1 
ATOM   606 C CD1 . LEU A 1 75 ? -5.533  0.730   5.819   1.00 23.04 ? 77  LEU A CD1 1 
ATOM   607 C CD2 . LEU A 1 75 ? -7.882  1.614   6.242   1.00 19.86 ? 77  LEU A CD2 1 
ATOM   608 N N   . THR A 1 76 ? -7.311  1.219   10.911  1.00 26.61 ? 78  THR A N   1 
ATOM   609 C CA  . THR A 1 76 ? -7.364  0.670   12.268  1.00 26.45 ? 78  THR A CA  1 
ATOM   610 C C   . THR A 1 76 ? -7.706  -0.818  12.255  1.00 27.05 ? 78  THR A C   1 
ATOM   611 O O   . THR A 1 76 ? -8.690  -1.295  11.690  1.00 26.75 ? 78  THR A O   1 
ATOM   612 C CB  . THR A 1 76 ? -8.275  1.501   13.262  1.00 23.60 ? 78  THR A CB  1 
ATOM   613 O OG1 . THR A 1 76 ? -8.387  0.684   14.484  1.00 22.54 ? 78  THR A OG1 1 
ATOM   614 C CG2 . THR A 1 76 ? -9.628  1.931   12.734  1.00 22.22 ? 78  THR A CG2 1 
ATOM   615 N N   . ARG A 1 77 ? -6.876  -1.493  13.048  1.00 28.11 ? 79  ARG A N   1 
ATOM   616 C CA  . ARG A 1 77 ? -6.991  -2.911  13.285  1.00 28.86 ? 79  ARG A CA  1 
ATOM   617 C C   . ARG A 1 77 ? -8.354  -3.228  13.910  1.00 29.81 ? 79  ARG A C   1 
ATOM   618 O O   . ARG A 1 77 ? -8.482  -3.335  15.135  1.00 28.92 ? 79  ARG A O   1 
ATOM   619 C CB  . ARG A 1 77 ? -5.857  -3.467  14.133  1.00 28.55 ? 79  ARG A CB  1 
ATOM   620 C CG  . ARG A 1 77 ? -5.449  -4.885  13.803  1.00 28.51 ? 79  ARG A CG  1 
ATOM   621 C CD  . ARG A 1 77 ? -6.298  -5.925  14.452  1.00 31.75 ? 79  ARG A CD  1 
ATOM   622 N NE  . ARG A 1 77 ? -5.538  -7.104  14.791  1.00 35.15 ? 79  ARG A NE  1 
ATOM   623 C CZ  . ARG A 1 77 ? -5.723  -7.975  15.781  1.00 36.79 ? 79  ARG A CZ  1 
ATOM   624 N NH1 . ARG A 1 77 ? -6.704  -7.817  16.683  1.00 39.93 ? 79  ARG A NH1 1 
ATOM   625 N NH2 . ARG A 1 77 ? -4.968  -9.082  15.861  1.00 37.31 ? 79  ARG A NH2 1 
ATOM   626 N N   . CYS A 1 78 ? -9.303  -3.404  13.024  1.00 31.41 ? 80  CYS A N   1 
ATOM   627 C CA  . CYS A 1 78 ? -10.643 -3.910  13.317  1.00 33.81 ? 80  CYS A CA  1 
ATOM   628 C C   . CYS A 1 78 ? -10.511 -4.953  14.463  1.00 34.03 ? 80  CYS A C   1 
ATOM   629 O O   . CYS A 1 78 ? -10.872 -4.611  15.588  1.00 33.97 ? 80  CYS A O   1 
ATOM   630 C CB  . CYS A 1 78 ? -11.188 -4.781  12.172  1.00 36.17 ? 80  CYS A CB  1 
ATOM   631 S SG  . CYS A 1 78 ? -11.298 -4.065  10.533  1.00 38.85 ? 80  CYS A SG  1 
ATOM   632 O OXT . CYS A 1 78 ? -10.105 -6.076  14.056  1.00 35.13 ? 80  CYS A OXT 1 
HETATM 633 O O   . HOH B 2 .  ? -11.470 -6.199  2.442   1.00 32.49 ? 200 HOH A O   1 
HETATM 634 O O   . HOH B 2 .  ? 2.421   1.754   -3.447  1.00 16.23 ? 201 HOH A O   1 
HETATM 635 O O   . HOH B 2 .  ? -1.628  -10.975 0.322   0.97 30.77 ? 202 HOH A O   1 
HETATM 636 O O   . HOH B 2 .  ? 4.809   12.671  -7.199  0.76 26.34 ? 203 HOH A O   1 
HETATM 637 O O   . HOH B 2 .  ? -1.464  -7.886  -0.022  1.00 16.28 ? 204 HOH A O   1 
HETATM 638 O O   . HOH B 2 .  ? -6.019  8.486   -2.453  0.76 15.34 ? 205 HOH A O   1 
HETATM 639 O O   . HOH B 2 .  ? -2.785  13.850  -0.550  0.89 16.84 ? 206 HOH A O   1 
HETATM 640 O O   . HOH B 2 .  ? -6.257  9.883   5.714   1.00 25.37 ? 207 HOH A O   1 
HETATM 641 O O   . HOH B 2 .  ? -0.367  13.450  -6.250  1.00 16.57 ? 208 HOH A O   1 
HETATM 642 O O   . HOH B 2 .  ? 3.500   9.089   11.048  0.99 15.66 ? 209 HOH A O   1 
HETATM 643 O O   . HOH B 2 .  ? -13.237 -6.804  16.204  1.00 19.98 ? 210 HOH A O   1 
HETATM 644 O O   . HOH B 2 .  ? 7.843   -5.102  -0.547  0.59 27.18 ? 211 HOH A O   1 
HETATM 645 O O   . HOH B 2 .  ? -8.448  6.991   1.019   1.00 13.54 ? 212 HOH A O   1 
HETATM 646 O O   . HOH B 2 .  ? -7.538  5.321   -5.146  0.83 10.77 ? 213 HOH A O   1 
HETATM 647 O O   . HOH B 2 .  ? -5.240  10.217  -0.279  1.00 17.05 ? 214 HOH A O   1 
HETATM 648 O O   . HOH B 2 .  ? 0.795   12.816  -1.346  0.83 24.67 ? 215 HOH A O   1 
HETATM 649 O O   . HOH B 2 .  ? -4.203  10.793  7.176   1.00 30.32 ? 216 HOH A O   1 
HETATM 650 O O   . HOH B 2 .  ? -1.611  -1.614  -9.765  0.94 18.88 ? 217 HOH A O   1 
HETATM 651 O O   . HOH B 2 .  ? -1.542  -8.042  -7.029  0.87 16.90 ? 218 HOH A O   1 
HETATM 652 O O   . HOH B 2 .  ? 4.071   5.100   8.105   0.74 11.78 ? 219 HOH A O   1 
HETATM 653 O O   . HOH B 2 .  ? 1.144   6.645   -8.524  1.00 14.41 ? 220 HOH A O   1 
HETATM 654 O O   . HOH B 2 .  ? -8.480  8.843   -1.651  0.74 10.51 ? 221 HOH A O   1 
HETATM 655 O O   . HOH B 2 .  ? 8.000   4.860   7.153   1.00 33.39 ? 222 HOH A O   1 
HETATM 656 O O   . HOH B 2 .  ? 12.917  6.408   -3.242  1.00 32.60 ? 223 HOH A O   1 
HETATM 657 O O   . HOH B 2 .  ? 5.355   17.353  -2.042  0.92 20.44 ? 224 HOH A O   1 
HETATM 658 O O   . HOH B 2 .  ? -8.372  -5.265  -5.057  0.84 38.15 ? 225 HOH A O   1 
HETATM 659 O O   . HOH B 2 .  ? 12.665  3.651   3.179   0.85 17.16 ? 226 HOH A O   1 
HETATM 660 O O   . HOH B 2 .  ? 4.804   -13.350 -1.528  0.96 25.74 ? 227 HOH A O   1 
HETATM 661 O O   . HOH B 2 .  ? -2.427  0.274   8.048   1.00 13.63 ? 228 HOH A O   1 
HETATM 662 O O   . HOH B 2 .  ? -13.447 3.545   -5.477  0.89 34.23 ? 229 HOH A O   1 
HETATM 663 O O   . HOH B 2 .  ? 15.331  1.312   -4.409  0.78 19.51 ? 230 HOH A O   1 
HETATM 664 O O   . HOH B 2 .  ? -10.504 2.572   9.693   0.86 25.45 ? 231 HOH A O   1 
HETATM 665 O O   . HOH B 2 .  ? -11.794 -1.888  17.897  0.85 33.29 ? 232 HOH A O   1 
HETATM 666 O O   . HOH B 2 .  ? -10.382 -0.381  16.031  1.00 29.18 ? 233 HOH A O   1 
HETATM 667 O O   . HOH B 2 .  ? -8.625  -8.304  13.530  1.00 30.50 ? 234 HOH A O   1 
HETATM 668 O O   . HOH B 2 .  ? 12.381  5.853   -6.679  0.88 20.29 ? 235 HOH A O   1 
HETATM 669 O O   . HOH B 2 .  ? 7.935   -14.979 -2.186  0.86 22.56 ? 236 HOH A O   1 
HETATM 670 O O   . HOH B 2 .  ? 9.862   5.477   3.971   0.83 16.15 ? 237 HOH A O   1 
HETATM 671 O O   . HOH B 2 .  ? 3.568   0.315   -16.481 0.62 16.41 ? 238 HOH A O   1 
HETATM 672 O O   . HOH B 2 .  ? 2.871   9.306   -10.853 1.00 20.09 ? 239 HOH A O   1 
HETATM 673 O O   . HOH B 2 .  ? -2.790  0.494   -11.092 0.79 20.01 ? 240 HOH A O   1 
HETATM 674 O O   . HOH B 2 .  ? -3.351  -6.912  1.520   1.00 20.77 ? 241 HOH A O   1 
HETATM 675 O O   . HOH B 2 .  ? 3.800   12.047  -11.517 0.61 27.05 ? 242 HOH A O   1 
HETATM 676 O O   . HOH B 2 .  ? -12.718 2.885   3.906   0.57 30.49 ? 243 HOH A O   1 
HETATM 677 O O   . HOH B 2 .  ? 5.777   4.551   -14.776 0.73 17.27 ? 244 HOH A O   1 
HETATM 678 O O   . HOH B 2 .  ? 8.038   -7.456  6.174   0.90 25.04 ? 245 HOH A O   1 
HETATM 679 O O   . HOH B 2 .  ? 0.778   1.253   -15.381 0.56 17.96 ? 246 HOH A O   1 
HETATM 680 O O   . HOH B 2 .  ? -5.038  -10.506 -6.624  0.81 24.89 ? 247 HOH A O   1 
HETATM 681 O O   . HOH B 2 .  ? 12.781  -14.544 -7.993  0.72 20.80 ? 248 HOH A O   1 
HETATM 682 O O   . HOH B 2 .  ? -7.522  -5.032  17.848  0.91 30.36 ? 249 HOH A O   1 
HETATM 683 O O   . HOH B 2 .  ? -12.171 -8.562  14.121  0.75 22.71 ? 250 HOH A O   1 
HETATM 684 O O   . HOH B 2 .  ? 8.911   16.930  -3.697  0.63 23.18 ? 251 HOH A O   1 
HETATM 685 O O   . HOH B 2 .  ? -7.891  -11.279 -7.727  0.73 28.41 ? 252 HOH A O   1 
HETATM 686 O O   . HOH B 2 .  ? -7.166  -10.322 -4.959  0.77 14.98 ? 253 HOH A O   1 
HETATM 687 O O   . HOH B 2 .  ? -12.010 -2.973  -5.438  0.60 19.83 ? 254 HOH A O   1 
HETATM 688 O O   . HOH B 2 .  ? 1.606   -13.054 -5.594  0.76 24.22 ? 255 HOH A O   1 
HETATM 689 O O   . HOH B 2 .  ? -1.427  3.043   11.396  0.74 24.02 ? 256 HOH A O   1 
HETATM 690 O O   . HOH B 2 .  ? 12.142  6.458   13.443  0.62 28.47 ? 257 HOH A O   1 
HETATM 691 O O   . HOH B 2 .  ? 10.445  -0.499  0.820   1.00 24.94 ? 258 HOH A O   1 
HETATM 692 O O   . HOH B 2 .  ? 7.944   -1.217  2.479   0.67 27.79 ? 259 HOH A O   1 
HETATM 693 O O   . HOH B 2 .  ? 6.830   -2.248  4.557   1.00 28.13 ? 260 HOH A O   1 
HETATM 694 O O   . HOH B 2 .  ? 9.137   -4.746  5.150   0.62 19.90 ? 261 HOH A O   1 
HETATM 695 O O   . HOH B 2 .  ? 10.148  -3.068  -3.550  1.00 18.74 ? 262 HOH A O   1 
HETATM 696 O O   . HOH B 2 .  ? -11.709 3.815   6.741   0.54 26.43 ? 263 HOH A O   1 
HETATM 697 O O   . HOH B 2 .  ? -17.248 2.069   3.151   0.58 17.55 ? 264 HOH A O   1 
HETATM 698 O O   . HOH B 2 .  ? 12.999  16.935  2.082   0.58 25.83 ? 265 HOH A O   1 
HETATM 699 O O   . HOH B 2 .  ? 7.075   -11.156 2.291   0.51 21.32 ? 266 HOH A O   1 
# 
